data_7UED
#
_entry.id   7UED
#
_cell.length_a   133.447
_cell.length_b   133.447
_cell.length_c   276.087
_cell.angle_alpha   90.000
_cell.angle_beta   90.000
_cell.angle_gamma   90.000
#
_symmetry.space_group_name_H-M   'I 4 2 2'
#
loop_
_entity.id
_entity.type
_entity.pdbx_description
1 polymer 'Isoform 4 of Mesothelin'
2 polymer 'MORAb-009 Fab light chain'
3 polymer 'MORAb-009 Fab heavy chain'
4 branched 2-acetamido-2-deoxy-beta-D-glucopyranose-(1-4)-2-acetamido-2-deoxy-beta-D-glucopyranose
5 non-polymer GLYCEROL
6 non-polymer 'SULFATE ION'
7 water water
#
loop_
_entity_poly.entity_id
_entity_poly.type
_entity_poly.pdbx_seq_one_letter_code
_entity_poly.pdbx_strand_id
1 'polypeptide(L)'
;MEVEKTACPSGKKAREIDESLIFYKKWELEACVDAALLATQMDRVNAIPFTYEQLDVLKHKLDELYPQGYPESVIQHLGY
LFLKMSPEDIRKWNVTSLETLKALLEVNKGHEMSPQVATLIDRFVKGRGQLDKDTLDTLTAFYPGYLCSLSPEELSSVPP
SSIWAVRPQDLDTCDPRQLDVLYPKARLAFQNMNGSEYFVKIQSFLGGAPTEDLKALSQQNVSMDLATFMKLRTDAVLPL
TVAEVQKLLGPHVEGLKAEERHRPVRDWILRQRQDDLDTLGLGLQGGIPNGYLVLDLSVQEALSGTHHHHHH
;
M
2 'polypeptide(L)'
;DIELTQSPAIMSASPGEKVTMTCSASSSVSYMHWYQQKSGTSPKRWIYDTSKLASGVPGRFSGSGSGNSYSLTISSVEAE
DDATYYCQQWSKHPLTFGSGTKVEIKRTVAAPSVFIFPPSDEQLKSGTASVVCLLNNFYPREAKVQWKVDNALQSGNSQE
SVTEQDSKDSTYSLSSTLTLSKADYEKHKVYACEVTHQGLSSPVTKSFNRGE
;
L
3 'polypeptide(L)'
;(PCA)VQLQQSGPELEKPGASVKISCKASGYSFTGYTMNWVKQSHGKSLEWIGLITPYNGASSYNQKFRGKATLTVDKSS
STAYMDLLSLTSEDSAVYFCARGGYDGRGFDYWGSGTPVTVSSASTKGPSVFPLAPSSKSTSGGTAALGCLVKDYFPEPV
TVSWNSGALTSGVHTFPAVLQSSGLYSLSSVVTVPSSSLGTQTYICNVNHKPSNTKVDKKVEPK
;
H
#
loop_
_chem_comp.id
_chem_comp.type
_chem_comp.name
_chem_comp.formula
GOL non-polymer GLYCEROL 'C3 H8 O3'
NAG D-saccharide, beta linking 2-acetamido-2-deoxy-beta-D-glucopyranose 'C8 H15 N O6'
SO4 non-polymer 'SULFATE ION' 'O4 S -2'
#
# COMPACT_ATOMS: atom_id res chain seq x y z
N LYS A 5 -43.42 -13.27 -24.96
CA LYS A 5 -42.34 -13.52 -25.91
C LYS A 5 -41.14 -14.12 -25.20
N THR A 6 -41.37 -15.23 -24.50
CA THR A 6 -40.31 -15.90 -23.76
C THR A 6 -39.05 -16.08 -24.60
N ALA A 7 -39.23 -16.47 -25.87
CA ALA A 7 -38.08 -16.75 -26.72
C ALA A 7 -37.22 -15.51 -26.90
N CYS A 8 -35.91 -15.71 -26.90
CA CYS A 8 -34.99 -14.61 -27.21
C CYS A 8 -34.90 -14.44 -28.73
N PRO A 9 -35.08 -13.22 -29.25
CA PRO A 9 -34.98 -13.03 -30.69
C PRO A 9 -33.69 -13.62 -31.25
N SER A 10 -33.76 -14.16 -32.45
CA SER A 10 -32.61 -14.78 -33.08
C SER A 10 -31.45 -13.80 -33.17
N GLY A 11 -30.24 -14.31 -33.02
CA GLY A 11 -29.05 -13.49 -33.11
C GLY A 11 -28.90 -12.47 -32.02
N LYS A 12 -29.69 -12.56 -30.95
CA LYS A 12 -29.64 -11.59 -29.86
C LYS A 12 -29.25 -12.22 -28.52
N LYS A 13 -29.09 -13.54 -28.44
CA LYS A 13 -28.60 -14.17 -27.23
C LYS A 13 -27.26 -13.57 -26.84
N ALA A 14 -27.12 -13.23 -25.56
CA ALA A 14 -25.92 -12.55 -25.06
C ALA A 14 -24.88 -13.59 -24.68
N ARG A 15 -23.76 -13.61 -25.41
CA ARG A 15 -22.63 -14.45 -25.07
C ARG A 15 -21.68 -13.79 -24.09
N GLU A 16 -21.89 -12.51 -23.77
CA GLU A 16 -20.95 -11.75 -22.96
C GLU A 16 -21.68 -10.52 -22.41
N ILE A 17 -21.25 -10.09 -21.23
CA ILE A 17 -21.80 -8.91 -20.58
C ILE A 17 -20.96 -7.71 -21.04
N ASP A 18 -21.46 -6.99 -22.04
CA ASP A 18 -20.79 -5.80 -22.56
C ASP A 18 -21.81 -4.69 -22.72
N GLU A 19 -21.36 -3.55 -23.24
CA GLU A 19 -22.25 -2.40 -23.38
C GLU A 19 -23.30 -2.60 -24.45
N SER A 20 -23.08 -3.52 -25.40
CA SER A 20 -24.06 -3.77 -26.44
C SER A 20 -25.44 -4.09 -25.87
N LEU A 21 -25.53 -4.47 -24.60
CA LEU A 21 -26.79 -4.85 -23.98
C LEU A 21 -27.59 -3.67 -23.45
N ILE A 22 -27.10 -2.44 -23.59
CA ILE A 22 -27.87 -1.32 -23.05
C ILE A 22 -29.07 -0.97 -23.92
N PHE A 23 -29.04 -1.31 -25.21
CA PHE A 23 -30.17 -1.09 -26.10
C PHE A 23 -31.09 -2.31 -26.16
N TYR A 24 -30.97 -3.23 -25.20
CA TYR A 24 -31.94 -4.30 -25.02
C TYR A 24 -33.05 -3.81 -24.10
N LYS A 25 -34.29 -4.04 -24.49
CA LYS A 25 -35.39 -3.73 -23.59
C LYS A 25 -35.40 -4.72 -22.43
N LYS A 26 -36.20 -4.40 -21.41
CA LYS A 26 -36.22 -5.22 -20.20
C LYS A 26 -36.48 -6.68 -20.53
N TRP A 27 -37.52 -6.96 -21.32
CA TRP A 27 -37.84 -8.34 -21.64
C TRP A 27 -36.73 -8.99 -22.46
N GLU A 28 -36.09 -8.22 -23.34
CA GLU A 28 -34.97 -8.76 -24.11
C GLU A 28 -33.83 -9.17 -23.18
N LEU A 29 -33.58 -8.40 -22.13
CA LEU A 29 -32.55 -8.77 -21.17
C LEU A 29 -32.95 -10.02 -20.39
N GLU A 30 -34.19 -10.06 -19.91
CA GLU A 30 -34.65 -11.22 -19.16
C GLU A 30 -34.56 -12.49 -20.00
N ALA A 31 -34.79 -12.38 -21.31
CA ALA A 31 -34.86 -13.56 -22.16
C ALA A 31 -33.54 -13.94 -22.79
N CYS A 32 -32.59 -13.00 -22.91
CA CYS A 32 -31.38 -13.23 -23.71
C CYS A 32 -30.10 -13.28 -22.89
N VAL A 33 -30.17 -13.06 -21.58
CA VAL A 33 -28.97 -13.02 -20.74
C VAL A 33 -29.11 -14.09 -19.67
N ASP A 34 -28.19 -15.06 -19.67
CA ASP A 34 -28.21 -16.13 -18.69
C ASP A 34 -27.66 -15.65 -17.36
N ALA A 35 -28.25 -16.14 -16.27
CA ALA A 35 -27.91 -15.63 -14.94
C ALA A 35 -26.48 -15.99 -14.55
N ALA A 36 -26.01 -17.18 -14.92
CA ALA A 36 -24.66 -17.58 -14.54
C ALA A 36 -23.61 -16.69 -15.20
N LEU A 37 -23.83 -16.32 -16.46
CA LEU A 37 -22.94 -15.39 -17.14
C LEU A 37 -22.86 -14.07 -16.39
N LEU A 38 -24.01 -13.55 -15.96
CA LEU A 38 -24.02 -12.34 -15.15
C LEU A 38 -23.25 -12.53 -13.85
N ALA A 39 -23.44 -13.67 -13.18
CA ALA A 39 -22.74 -13.90 -11.93
C ALA A 39 -21.23 -13.92 -12.13
N THR A 40 -20.78 -14.47 -13.24
CA THR A 40 -19.34 -14.57 -13.47
C THR A 40 -18.73 -13.24 -13.92
N GLN A 41 -19.50 -12.39 -14.63
CA GLN A 41 -18.96 -11.14 -15.14
C GLN A 41 -19.55 -9.91 -14.45
N MET A 42 -20.08 -10.07 -13.23
CA MET A 42 -20.57 -8.93 -12.47
C MET A 42 -19.59 -7.76 -12.45
N ASP A 43 -18.29 -8.05 -12.50
CA ASP A 43 -17.30 -6.98 -12.34
C ASP A 43 -17.41 -5.90 -13.41
N ARG A 44 -18.11 -6.18 -14.51
CA ARG A 44 -18.20 -5.24 -15.63
C ARG A 44 -19.43 -4.35 -15.58
N VAL A 45 -20.43 -4.67 -14.74
CA VAL A 45 -21.71 -3.97 -14.83
C VAL A 45 -21.58 -2.53 -14.38
N ASN A 46 -20.71 -2.23 -13.42
CA ASN A 46 -20.65 -0.88 -12.88
C ASN A 46 -20.07 0.11 -13.87
N ALA A 47 -19.40 -0.36 -14.91
CA ALA A 47 -18.84 0.50 -15.94
C ALA A 47 -19.74 0.66 -17.15
N ILE A 48 -20.88 -0.03 -17.19
CA ILE A 48 -21.79 0.02 -18.32
C ILE A 48 -22.94 0.97 -17.98
N PRO A 49 -23.42 1.78 -18.92
CA PRO A 49 -24.54 2.70 -18.64
C PRO A 49 -25.90 2.01 -18.68
N PHE A 50 -26.14 1.12 -17.73
CA PHE A 50 -27.45 0.48 -17.59
C PHE A 50 -28.40 1.40 -16.85
N THR A 51 -29.65 1.45 -17.32
CA THR A 51 -30.68 2.19 -16.62
C THR A 51 -31.13 1.42 -15.37
N TYR A 52 -31.73 2.15 -14.42
CA TYR A 52 -32.23 1.51 -13.21
C TYR A 52 -33.13 0.33 -13.53
N GLU A 53 -33.90 0.42 -14.61
CA GLU A 53 -34.82 -0.66 -14.96
C GLU A 53 -34.08 -1.91 -15.39
N GLN A 54 -33.08 -1.73 -16.26
CA GLN A 54 -32.27 -2.86 -16.70
C GLN A 54 -31.49 -3.45 -15.54
N LEU A 55 -30.98 -2.61 -14.64
CA LEU A 55 -30.29 -3.12 -13.46
C LEU A 55 -31.25 -3.88 -12.55
N ASP A 56 -32.53 -3.49 -12.52
CA ASP A 56 -33.52 -4.26 -11.78
C ASP A 56 -33.68 -5.65 -12.37
N VAL A 57 -33.76 -5.74 -13.70
CA VAL A 57 -33.82 -7.06 -14.34
C VAL A 57 -32.60 -7.90 -13.97
N LEU A 58 -31.41 -7.26 -14.00
CA LEU A 58 -30.19 -7.97 -13.66
C LEU A 58 -30.21 -8.50 -12.23
N LYS A 59 -30.65 -7.67 -11.29
CA LYS A 59 -30.73 -8.10 -9.89
C LYS A 59 -31.75 -9.21 -9.72
N HIS A 60 -32.86 -9.15 -10.46
CA HIS A 60 -33.82 -10.24 -10.42
C HIS A 60 -33.18 -11.55 -10.85
N LYS A 61 -32.37 -11.51 -11.92
CA LYS A 61 -31.71 -12.74 -12.37
C LYS A 61 -30.69 -13.22 -11.33
N LEU A 62 -29.94 -12.29 -10.74
CA LEU A 62 -29.00 -12.69 -9.69
C LEU A 62 -29.73 -13.37 -8.54
N ASP A 63 -30.92 -12.87 -8.19
CA ASP A 63 -31.72 -13.52 -7.15
C ASP A 63 -32.14 -14.92 -7.59
N GLU A 64 -32.67 -15.04 -8.82
CA GLU A 64 -32.98 -16.35 -9.37
C GLU A 64 -31.83 -17.32 -9.15
N LEU A 65 -30.60 -16.87 -9.40
CA LEU A 65 -29.45 -17.78 -9.32
C LEU A 65 -29.14 -18.16 -7.89
N TYR A 66 -29.07 -17.18 -6.99
CA TYR A 66 -28.62 -17.43 -5.61
C TYR A 66 -29.77 -17.25 -4.63
N PRO A 67 -30.63 -18.25 -4.45
CA PRO A 67 -31.75 -18.12 -3.51
C PRO A 67 -31.36 -18.21 -2.04
N GLN A 68 -30.14 -18.64 -1.73
CA GLN A 68 -29.66 -18.70 -0.35
C GLN A 68 -28.79 -17.51 0.01
N GLY A 69 -28.78 -16.48 -0.82
CA GLY A 69 -27.93 -15.33 -0.61
C GLY A 69 -26.77 -15.33 -1.60
N TYR A 70 -26.29 -14.13 -1.93
CA TYR A 70 -25.20 -14.02 -2.87
C TYR A 70 -23.88 -14.47 -2.23
N PRO A 71 -22.95 -14.98 -3.03
CA PRO A 71 -21.60 -15.19 -2.54
C PRO A 71 -20.81 -13.89 -2.55
N GLU A 72 -19.79 -13.83 -1.69
CA GLU A 72 -18.96 -12.64 -1.66
C GLU A 72 -18.33 -12.34 -3.02
N SER A 73 -18.21 -13.36 -3.88
CA SER A 73 -17.71 -13.14 -5.23
C SER A 73 -18.59 -12.16 -5.99
N VAL A 74 -19.91 -12.27 -5.81
CA VAL A 74 -20.85 -11.35 -6.46
C VAL A 74 -21.11 -10.11 -5.61
N ILE A 75 -20.93 -10.19 -4.29
CA ILE A 75 -21.25 -9.06 -3.43
C ILE A 75 -20.18 -7.97 -3.55
N GLN A 76 -18.95 -8.34 -3.88
CA GLN A 76 -17.88 -7.36 -4.00
C GLN A 76 -18.09 -6.44 -5.20
N HIS A 77 -18.77 -6.92 -6.24
CA HIS A 77 -18.96 -6.16 -7.47
C HIS A 77 -20.38 -5.62 -7.61
N LEU A 78 -21.23 -5.78 -6.59
CA LEU A 78 -22.60 -5.32 -6.70
C LEU A 78 -22.67 -3.85 -7.13
N GLY A 79 -21.73 -3.04 -6.66
CA GLY A 79 -21.80 -1.63 -6.97
C GLY A 79 -23.14 -1.05 -6.58
N TYR A 80 -23.70 -0.22 -7.46
CA TYR A 80 -24.96 0.46 -7.16
C TYR A 80 -26.15 -0.48 -7.11
N LEU A 81 -25.96 -1.79 -7.29
CA LEU A 81 -27.02 -2.76 -7.02
C LEU A 81 -27.20 -2.99 -5.52
N PHE A 82 -26.17 -2.69 -4.73
CA PHE A 82 -26.28 -2.82 -3.28
C PHE A 82 -27.38 -1.93 -2.71
N LEU A 83 -27.82 -0.93 -3.47
CA LEU A 83 -28.90 -0.06 -3.00
C LEU A 83 -30.27 -0.68 -3.26
N LYS A 84 -30.41 -1.47 -4.32
CA LYS A 84 -31.64 -2.20 -4.59
C LYS A 84 -31.74 -3.49 -3.78
N MET A 85 -30.89 -3.65 -2.77
CA MET A 85 -30.89 -4.83 -1.92
C MET A 85 -31.77 -4.60 -0.70
N SER A 86 -32.38 -5.71 -0.20
CA SER A 86 -33.19 -5.61 1.00
C SER A 86 -32.40 -6.10 2.21
N PRO A 87 -32.66 -5.54 3.40
CA PRO A 87 -31.97 -6.04 4.60
C PRO A 87 -32.11 -7.54 4.80
N GLU A 88 -33.27 -8.11 4.48
CA GLU A 88 -33.45 -9.55 4.58
C GLU A 88 -32.40 -10.30 3.76
N ASP A 89 -32.16 -9.85 2.53
CA ASP A 89 -31.17 -10.51 1.69
C ASP A 89 -29.76 -10.36 2.28
N ILE A 90 -29.45 -9.19 2.82
CA ILE A 90 -28.10 -8.96 3.35
C ILE A 90 -27.87 -9.81 4.59
N ARG A 91 -28.91 -10.07 5.39
CA ARG A 91 -28.75 -10.91 6.57
C ARG A 91 -28.39 -12.34 6.23
N LYS A 92 -28.39 -12.72 4.95
CA LYS A 92 -28.00 -14.05 4.51
C LYS A 92 -26.61 -14.05 3.88
N TRP A 93 -25.83 -12.99 4.09
CA TRP A 93 -24.55 -12.83 3.42
C TRP A 93 -23.40 -13.25 4.33
N ASN A 94 -22.30 -13.66 3.70
CA ASN A 94 -21.06 -14.05 4.39
C ASN A 94 -19.94 -13.20 3.80
N VAL A 95 -19.78 -11.99 4.33
CA VAL A 95 -18.78 -11.04 3.87
C VAL A 95 -17.63 -11.06 4.87
N THR A 96 -16.43 -11.34 4.37
CA THR A 96 -15.25 -11.49 5.21
C THR A 96 -14.14 -10.51 4.87
N SER A 97 -13.93 -10.22 3.58
CA SER A 97 -12.83 -9.36 3.17
C SER A 97 -13.13 -7.91 3.49
N LEU A 98 -12.18 -7.25 4.16
CA LEU A 98 -12.36 -5.83 4.46
C LEU A 98 -12.53 -5.00 3.19
N GLU A 99 -11.98 -5.49 2.06
CA GLU A 99 -12.08 -4.75 0.81
C GLU A 99 -13.51 -4.80 0.26
N THR A 100 -14.20 -5.92 0.45
CA THR A 100 -15.62 -5.97 0.09
C THR A 100 -16.40 -4.93 0.87
N LEU A 101 -16.15 -4.85 2.17
CA LEU A 101 -16.82 -3.84 2.99
C LEU A 101 -16.50 -2.44 2.51
N LYS A 102 -15.23 -2.17 2.21
CA LYS A 102 -14.84 -0.85 1.74
C LYS A 102 -15.50 -0.51 0.41
N ALA A 103 -15.67 -1.51 -0.45
CA ALA A 103 -16.28 -1.27 -1.75
C ALA A 103 -17.78 -1.00 -1.61
N LEU A 104 -18.45 -1.70 -0.69
CA LEU A 104 -19.88 -1.46 -0.51
C LEU A 104 -20.16 -0.18 0.25
N LEU A 105 -19.28 0.21 1.18
CA LEU A 105 -19.47 1.46 1.90
C LEU A 105 -19.20 2.68 1.03
N GLU A 106 -18.51 2.50 -0.09
CA GLU A 106 -18.22 3.61 -1.00
C GLU A 106 -19.37 3.93 -1.94
N VAL A 107 -20.37 3.05 -2.04
CA VAL A 107 -21.47 3.30 -2.96
C VAL A 107 -22.35 4.43 -2.46
N ASN A 108 -22.63 4.46 -1.16
CA ASN A 108 -23.46 5.49 -0.56
C ASN A 108 -22.65 6.43 0.33
N LYS A 109 -21.39 6.67 -0.04
CA LYS A 109 -20.53 7.52 0.76
C LYS A 109 -21.11 8.93 0.82
N GLY A 110 -20.92 9.57 1.96
CA GLY A 110 -21.47 10.90 2.20
C GLY A 110 -22.83 10.89 2.86
N HIS A 111 -23.77 10.12 2.31
CA HIS A 111 -25.12 10.07 2.84
C HIS A 111 -25.14 9.38 4.20
N GLU A 112 -26.27 9.54 4.89
CA GLU A 112 -26.47 8.88 6.18
C GLU A 112 -26.45 7.37 6.00
N MET A 113 -26.11 6.66 7.07
CA MET A 113 -26.07 5.20 7.03
C MET A 113 -27.46 4.66 6.71
N SER A 114 -27.55 3.92 5.61
CA SER A 114 -28.80 3.29 5.20
C SER A 114 -29.02 1.99 5.98
N PRO A 115 -30.26 1.48 5.99
CA PRO A 115 -30.49 0.19 6.67
C PRO A 115 -29.66 -0.94 6.10
N GLN A 116 -29.47 -0.95 4.78
CA GLN A 116 -28.60 -1.96 4.16
C GLN A 116 -27.22 -1.92 4.79
N VAL A 117 -26.67 -0.72 5.02
CA VAL A 117 -25.32 -0.62 5.55
C VAL A 117 -25.27 -1.09 7.00
N ALA A 118 -26.30 -0.78 7.79
CA ALA A 118 -26.35 -1.27 9.16
C ALA A 118 -26.37 -2.79 9.19
N THR A 119 -27.20 -3.40 8.33
CA THR A 119 -27.26 -4.86 8.30
C THR A 119 -25.94 -5.45 7.83
N LEU A 120 -25.30 -4.82 6.84
CA LEU A 120 -24.01 -5.29 6.37
C LEU A 120 -22.97 -5.25 7.47
N ILE A 121 -22.93 -4.14 8.22
CA ILE A 121 -21.98 -4.01 9.31
C ILE A 121 -22.24 -5.08 10.37
N ASP A 122 -23.51 -5.29 10.72
CA ASP A 122 -23.83 -6.29 11.73
C ASP A 122 -23.39 -7.69 11.28
N ARG A 123 -23.69 -8.05 10.03
CA ARG A 123 -23.28 -9.36 9.54
C ARG A 123 -21.76 -9.48 9.51
N PHE A 124 -21.06 -8.40 9.12
CA PHE A 124 -19.61 -8.45 9.05
C PHE A 124 -19.02 -8.70 10.43
N VAL A 125 -19.46 -7.95 11.44
CA VAL A 125 -18.88 -8.08 12.77
C VAL A 125 -19.27 -9.42 13.38
N LYS A 126 -20.49 -9.89 13.13
CA LYS A 126 -20.90 -11.19 13.66
C LYS A 126 -20.14 -12.32 12.99
N GLY A 127 -19.70 -12.12 11.75
CA GLY A 127 -18.86 -13.12 11.11
C GLY A 127 -17.45 -13.11 11.64
N ARG A 128 -16.87 -11.91 11.82
CA ARG A 128 -15.52 -11.81 12.35
C ARG A 128 -15.46 -12.16 13.85
N GLY A 129 -16.59 -12.24 14.54
CA GLY A 129 -16.61 -12.59 15.94
C GLY A 129 -16.30 -11.46 16.90
N GLN A 130 -16.08 -10.25 16.40
CA GLN A 130 -15.70 -9.12 17.23
C GLN A 130 -15.53 -7.91 16.31
N LEU A 131 -15.32 -6.75 16.93
CA LEU A 131 -14.99 -5.52 16.20
C LEU A 131 -13.48 -5.36 16.26
N ASP A 132 -12.81 -5.62 15.14
CA ASP A 132 -11.35 -5.61 15.11
C ASP A 132 -10.82 -4.19 15.04
N LYS A 133 -9.50 -4.08 15.21
CA LYS A 133 -8.83 -2.80 15.02
C LYS A 133 -8.97 -2.32 13.58
N ASP A 134 -8.73 -3.22 12.62
CA ASP A 134 -8.87 -2.86 11.21
C ASP A 134 -10.30 -2.54 10.85
N THR A 135 -11.26 -3.35 11.33
CA THR A 135 -12.66 -3.10 11.03
C THR A 135 -13.11 -1.77 11.61
N LEU A 136 -12.68 -1.47 12.83
CA LEU A 136 -13.05 -0.20 13.44
C LEU A 136 -12.41 0.98 12.70
N ASP A 137 -11.16 0.82 12.28
CA ASP A 137 -10.55 1.84 11.43
C ASP A 137 -11.39 2.11 10.19
N THR A 138 -11.79 1.04 9.49
CA THR A 138 -12.61 1.19 8.30
C THR A 138 -13.91 1.93 8.60
N LEU A 139 -14.65 1.46 9.61
CA LEU A 139 -15.94 2.04 9.93
C LEU A 139 -15.81 3.51 10.32
N THR A 140 -14.82 3.85 11.13
CA THR A 140 -14.65 5.24 11.53
C THR A 140 -14.23 6.09 10.35
N ALA A 141 -13.42 5.54 9.44
CA ALA A 141 -13.05 6.27 8.23
C ALA A 141 -14.28 6.65 7.43
N PHE A 142 -15.18 5.70 7.19
CA PHE A 142 -16.38 6.02 6.43
C PHE A 142 -17.37 6.82 7.28
N TYR A 143 -17.58 6.42 8.52
CA TYR A 143 -18.55 7.08 9.40
C TYR A 143 -17.84 7.53 10.67
N PRO A 144 -17.51 8.82 10.79
CA PRO A 144 -16.59 9.24 11.88
C PRO A 144 -17.15 9.04 13.26
N GLY A 145 -18.44 9.31 13.46
CA GLY A 145 -19.04 9.19 14.77
C GLY A 145 -19.55 7.79 15.06
N TYR A 146 -18.96 6.78 14.42
CA TYR A 146 -19.43 5.42 14.61
C TYR A 146 -19.28 4.97 16.06
N LEU A 147 -18.06 5.11 16.61
CA LEU A 147 -17.79 4.61 17.95
C LEU A 147 -18.80 5.14 18.95
N CYS A 148 -18.97 6.46 19.00
CA CYS A 148 -19.90 7.08 19.94
C CYS A 148 -21.35 6.93 19.53
N SER A 149 -21.64 6.25 18.40
CA SER A 149 -23.00 5.94 18.01
C SER A 149 -23.49 4.61 18.58
N LEU A 150 -22.68 3.95 19.41
CA LEU A 150 -23.04 2.68 20.00
C LEU A 150 -23.44 2.89 21.45
N SER A 151 -24.45 2.13 21.90
CA SER A 151 -24.89 2.22 23.27
C SER A 151 -23.76 1.77 24.21
N PRO A 152 -23.78 2.22 25.46
CA PRO A 152 -22.81 1.69 26.44
C PRO A 152 -22.85 0.19 26.58
N GLU A 153 -23.95 -0.46 26.17
CA GLU A 153 -24.02 -1.92 26.24
C GLU A 153 -23.33 -2.54 25.03
N GLU A 154 -23.62 -2.04 23.83
CA GLU A 154 -22.89 -2.48 22.65
C GLU A 154 -21.41 -2.15 22.77
N LEU A 155 -21.10 -0.91 23.15
CA LEU A 155 -19.72 -0.48 23.29
C LEU A 155 -18.93 -1.36 24.27
N SER A 156 -19.62 -2.12 25.12
CA SER A 156 -18.95 -2.99 26.07
C SER A 156 -18.37 -4.24 25.41
N SER A 157 -18.90 -4.64 24.27
CA SER A 157 -18.44 -5.83 23.58
C SER A 157 -17.19 -5.59 22.72
N VAL A 158 -16.64 -4.38 22.76
CA VAL A 158 -15.46 -4.07 21.94
C VAL A 158 -14.22 -4.66 22.62
N PRO A 159 -13.41 -5.45 21.94
CA PRO A 159 -12.20 -5.96 22.56
C PRO A 159 -11.23 -4.82 22.86
N PRO A 160 -10.39 -4.96 23.89
CA PRO A 160 -9.43 -3.88 24.17
C PRO A 160 -8.42 -3.70 23.04
N SER A 161 -8.08 -4.78 22.34
CA SER A 161 -7.06 -4.70 21.30
C SER A 161 -7.43 -3.72 20.19
N SER A 162 -8.72 -3.44 20.00
CA SER A 162 -9.15 -2.52 18.96
C SER A 162 -9.11 -1.06 19.40
N ILE A 163 -8.84 -0.78 20.69
CA ILE A 163 -8.76 0.59 21.16
C ILE A 163 -7.65 1.35 20.45
N TRP A 164 -6.64 0.64 19.92
CA TRP A 164 -5.59 1.30 19.17
C TRP A 164 -6.12 1.98 17.91
N ALA A 165 -7.37 1.73 17.53
CA ALA A 165 -7.99 2.42 16.41
C ALA A 165 -8.70 3.69 16.83
N VAL A 166 -9.00 3.85 18.11
CA VAL A 166 -9.74 5.02 18.60
C VAL A 166 -8.76 6.18 18.71
N ARG A 167 -8.96 7.19 17.87
CA ARG A 167 -8.21 8.43 17.96
C ARG A 167 -8.90 9.37 18.94
N PRO A 168 -8.20 10.40 19.42
CA PRO A 168 -8.83 11.29 20.43
C PRO A 168 -10.15 11.89 19.96
N GLN A 169 -10.18 12.50 18.78
CA GLN A 169 -11.39 13.16 18.30
C GLN A 169 -12.57 12.19 18.18
N ASP A 170 -12.30 10.89 18.03
CA ASP A 170 -13.37 9.91 17.95
C ASP A 170 -14.12 9.75 19.27
N LEU A 171 -13.69 10.43 20.33
CA LEU A 171 -14.39 10.43 21.61
C LEU A 171 -15.00 11.78 21.96
N ASP A 172 -14.84 12.79 21.10
CA ASP A 172 -15.38 14.11 21.38
C ASP A 172 -16.91 14.15 21.31
N THR A 173 -17.56 13.02 21.03
CA THR A 173 -19.01 12.94 21.04
C THR A 173 -19.55 11.98 22.09
N CYS A 174 -18.69 11.21 22.73
CA CYS A 174 -19.13 10.16 23.66
C CYS A 174 -19.56 10.76 24.99
N ASP A 175 -20.65 10.24 25.53
CA ASP A 175 -21.18 10.69 26.81
C ASP A 175 -20.41 10.02 27.95
N PRO A 176 -20.57 10.51 29.19
CA PRO A 176 -19.81 9.91 30.30
C PRO A 176 -20.02 8.41 30.46
N ARG A 177 -21.20 7.89 30.13
CA ARG A 177 -21.41 6.44 30.22
C ARG A 177 -20.48 5.70 29.26
N GLN A 178 -20.43 6.13 28.00
CA GLN A 178 -19.56 5.50 27.02
C GLN A 178 -18.10 5.65 27.42
N LEU A 179 -17.71 6.82 27.91
CA LEU A 179 -16.33 7.02 28.34
C LEU A 179 -15.98 6.11 29.50
N ASP A 180 -16.94 5.86 30.40
CA ASP A 180 -16.69 4.95 31.52
C ASP A 180 -16.60 3.50 31.06
N VAL A 181 -17.36 3.15 30.01
CA VAL A 181 -17.21 1.80 29.45
C VAL A 181 -15.85 1.66 28.77
N LEU A 182 -15.34 2.75 28.19
CA LEU A 182 -14.12 2.65 27.38
C LEU A 182 -12.85 2.74 28.22
N TYR A 183 -12.84 3.57 29.26
CA TYR A 183 -11.60 3.78 30.00
C TYR A 183 -10.96 2.50 30.48
N PRO A 184 -11.68 1.51 31.03
CA PRO A 184 -11.02 0.24 31.38
C PRO A 184 -10.40 -0.46 30.17
N LYS A 185 -11.06 -0.42 29.02
CA LYS A 185 -10.53 -1.08 27.84
C LYS A 185 -9.25 -0.41 27.36
N ALA A 186 -9.21 0.92 27.35
CA ALA A 186 -7.97 1.61 27.00
C ALA A 186 -6.90 1.41 28.06
N ARG A 187 -7.31 1.29 29.33
CA ARG A 187 -6.36 1.01 30.41
C ARG A 187 -5.70 -0.34 30.19
N LEU A 188 -6.47 -1.33 29.71
CA LEU A 188 -5.90 -2.63 29.41
C LEU A 188 -5.04 -2.59 28.15
N ALA A 189 -5.52 -1.93 27.10
CA ALA A 189 -4.77 -1.87 25.85
C ALA A 189 -3.42 -1.20 26.05
N PHE A 190 -3.40 -0.10 26.80
CA PHE A 190 -2.17 0.67 27.03
C PHE A 190 -1.42 0.22 28.27
N GLN A 191 -1.99 -0.67 29.07
CA GLN A 191 -1.23 -1.30 30.14
C GLN A 191 0.04 -1.89 29.56
N ASN A 192 1.04 -2.13 30.39
CA ASN A 192 2.32 -2.72 29.99
C ASN A 192 3.19 -1.68 29.28
N MET A 193 2.76 -0.43 29.21
CA MET A 193 3.59 0.67 28.72
C MET A 193 4.22 1.41 29.89
N ASN A 194 5.12 2.33 29.57
CA ASN A 194 6.01 2.91 30.58
C ASN A 194 5.91 4.43 30.56
N GLY A 195 5.30 4.99 31.60
CA GLY A 195 5.46 6.41 31.88
C GLY A 195 4.74 7.29 30.88
N SER A 196 5.45 8.31 30.40
CA SER A 196 4.84 9.31 29.52
C SER A 196 4.08 8.67 28.37
N GLU A 197 4.47 7.47 27.96
CA GLU A 197 3.77 6.77 26.88
C GLU A 197 2.35 6.43 27.29
N TYR A 198 2.20 5.80 28.46
CA TYR A 198 0.87 5.46 28.97
C TYR A 198 -0.04 6.68 28.98
N PHE A 199 0.49 7.81 29.45
CA PHE A 199 -0.34 9.01 29.53
C PHE A 199 -0.67 9.56 28.14
N VAL A 200 0.34 9.64 27.27
CA VAL A 200 0.09 10.09 25.90
C VAL A 200 -1.03 9.29 25.26
N LYS A 201 -1.17 8.02 25.65
CA LYS A 201 -2.22 7.19 25.07
C LYS A 201 -3.56 7.29 25.80
N ILE A 202 -3.55 7.47 27.12
CA ILE A 202 -4.78 7.40 27.92
C ILE A 202 -5.37 8.76 28.23
N GLN A 203 -4.70 9.83 27.81
CA GLN A 203 -5.17 11.19 28.10
C GLN A 203 -6.58 11.42 27.56
N SER A 204 -6.87 10.92 26.35
CA SER A 204 -8.17 11.15 25.74
C SER A 204 -9.27 10.30 26.36
N PHE A 205 -8.93 9.31 27.18
CA PHE A 205 -9.92 8.48 27.85
C PHE A 205 -10.15 8.86 29.29
N LEU A 206 -9.20 9.57 29.92
CA LEU A 206 -9.31 9.86 31.35
C LEU A 206 -10.64 10.48 31.77
N GLY A 207 -11.48 10.89 30.82
CA GLY A 207 -12.80 11.38 31.16
C GLY A 207 -13.73 10.34 31.76
N GLY A 208 -13.31 9.08 31.78
CA GLY A 208 -14.09 8.03 32.42
C GLY A 208 -13.27 7.30 33.46
N ALA A 209 -12.27 7.99 34.01
CA ALA A 209 -11.34 7.36 34.95
C ALA A 209 -11.79 7.57 36.39
N PRO A 210 -11.45 6.65 37.29
CA PRO A 210 -11.80 6.82 38.71
C PRO A 210 -10.77 7.65 39.46
N THR A 211 -10.96 7.80 40.78
CA THR A 211 -10.06 8.61 41.58
C THR A 211 -8.72 7.92 41.85
N GLU A 212 -8.73 6.59 41.97
CA GLU A 212 -7.51 5.86 42.32
C GLU A 212 -6.46 6.02 41.24
N ASP A 213 -6.84 5.81 39.98
CA ASP A 213 -5.90 5.99 38.88
C ASP A 213 -5.44 7.44 38.79
N LEU A 214 -6.30 8.38 39.15
CA LEU A 214 -5.90 9.78 39.15
C LEU A 214 -4.80 10.05 40.17
N LYS A 215 -4.94 9.50 41.38
CA LYS A 215 -3.89 9.65 42.37
C LYS A 215 -2.61 8.96 41.93
N ALA A 216 -2.74 7.77 41.34
CA ALA A 216 -1.57 7.05 40.85
C ALA A 216 -0.83 7.87 39.78
N LEU A 217 -1.58 8.55 38.92
CA LEU A 217 -0.95 9.42 37.93
C LEU A 217 -0.32 10.64 38.59
N SER A 218 -0.97 11.20 39.61
CA SER A 218 -0.40 12.33 40.33
C SER A 218 0.95 11.98 40.92
N GLN A 219 1.09 10.75 41.41
CA GLN A 219 2.33 10.29 42.04
C GLN A 219 3.41 9.93 41.02
N GLN A 220 3.30 10.35 39.76
CA GLN A 220 4.27 9.96 38.74
C GLN A 220 4.61 11.11 37.80
N ASN A 221 4.55 12.35 38.30
CA ASN A 221 4.88 13.54 37.51
C ASN A 221 4.35 13.43 36.09
N VAL A 222 3.08 13.76 35.88
CA VAL A 222 2.43 13.59 34.58
C VAL A 222 2.32 14.93 33.88
N SER A 223 2.24 16.02 34.64
CA SER A 223 2.04 17.35 34.09
C SER A 223 0.79 17.39 33.21
N MET A 224 -0.36 17.15 33.85
CA MET A 224 -1.60 17.02 33.12
C MET A 224 -2.06 18.36 32.57
N ASP A 225 -2.35 18.40 31.27
CA ASP A 225 -2.94 19.57 30.65
C ASP A 225 -4.21 19.98 31.41
N LEU A 226 -4.36 21.29 31.64
CA LEU A 226 -5.53 21.76 32.37
C LEU A 226 -6.79 21.54 31.56
N ALA A 227 -6.72 21.69 30.23
CA ALA A 227 -7.86 21.39 29.38
C ALA A 227 -8.28 19.94 29.52
N THR A 228 -7.33 19.04 29.75
CA THR A 228 -7.67 17.65 30.05
C THR A 228 -8.30 17.54 31.44
N PHE A 229 -7.81 18.32 32.39
CA PHE A 229 -8.39 18.29 33.74
C PHE A 229 -9.86 18.68 33.71
N MET A 230 -10.22 19.65 32.85
CA MET A 230 -11.61 20.09 32.78
C MET A 230 -12.52 18.99 32.26
N LYS A 231 -11.98 17.98 31.58
CA LYS A 231 -12.77 16.89 31.04
C LYS A 231 -12.96 15.73 32.02
N LEU A 232 -12.35 15.81 33.20
CA LEU A 232 -12.44 14.71 34.15
C LEU A 232 -13.82 14.64 34.79
N ARG A 233 -14.10 13.50 35.41
CA ARG A 233 -15.38 13.30 36.09
C ARG A 233 -15.42 14.12 37.37
N THR A 234 -16.46 14.95 37.52
CA THR A 234 -16.60 15.75 38.72
C THR A 234 -16.56 14.88 39.98
N ASP A 235 -17.33 13.80 39.98
CA ASP A 235 -17.35 12.90 41.13
C ASP A 235 -16.01 12.23 41.38
N ALA A 236 -15.07 12.29 40.44
CA ALA A 236 -13.77 11.66 40.61
C ALA A 236 -12.68 12.63 41.02
N VAL A 237 -12.87 13.94 40.80
CA VAL A 237 -11.87 14.92 41.21
C VAL A 237 -12.12 15.46 42.63
N LEU A 238 -13.33 15.30 43.17
CA LEU A 238 -13.62 15.80 44.51
C LEU A 238 -12.74 15.13 45.56
N PRO A 239 -12.51 13.83 45.55
CA PRO A 239 -11.81 13.19 46.68
C PRO A 239 -10.31 13.42 46.66
N LEU A 240 -9.84 14.34 45.85
CA LEU A 240 -8.42 14.60 45.74
C LEU A 240 -7.97 15.71 46.67
N THR A 241 -6.71 15.65 47.09
CA THR A 241 -6.10 16.67 47.93
C THR A 241 -5.48 17.76 47.06
N VAL A 242 -5.22 18.90 47.70
CA VAL A 242 -4.55 19.99 46.99
C VAL A 242 -3.17 19.54 46.53
N ALA A 243 -2.48 18.74 47.35
CA ALA A 243 -1.17 18.23 46.94
C ALA A 243 -1.28 17.32 45.73
N GLU A 244 -2.35 16.51 45.67
CA GLU A 244 -2.52 15.61 44.54
C GLU A 244 -2.83 16.39 43.27
N VAL A 245 -3.77 17.33 43.34
CA VAL A 245 -4.07 18.17 42.17
C VAL A 245 -2.82 18.92 41.73
N GLN A 246 -2.02 19.37 42.69
CA GLN A 246 -0.79 20.08 42.37
C GLN A 246 0.19 19.19 41.61
N LYS A 247 0.48 18.01 42.17
CA LYS A 247 1.39 17.09 41.50
C LYS A 247 0.86 16.69 40.12
N LEU A 248 -0.46 16.61 39.97
CA LEU A 248 -1.02 16.19 38.68
C LEU A 248 -0.90 17.29 37.64
N LEU A 249 -1.36 18.51 37.98
CA LEU A 249 -1.30 19.61 37.03
C LEU A 249 0.12 20.11 36.80
N GLY A 250 1.07 19.75 37.65
CA GLY A 250 2.44 20.13 37.45
C GLY A 250 2.57 21.63 37.26
N PRO A 251 3.19 22.06 36.15
CA PRO A 251 3.30 23.51 35.89
C PRO A 251 2.00 24.15 35.43
N HIS A 252 1.00 23.36 35.03
CA HIS A 252 -0.28 23.91 34.59
C HIS A 252 -1.18 24.33 35.74
N VAL A 253 -0.68 24.30 36.98
CA VAL A 253 -1.46 24.76 38.11
C VAL A 253 -1.81 26.23 37.99
N GLU A 254 -1.10 26.97 37.14
CA GLU A 254 -1.35 28.40 37.03
C GLU A 254 -2.77 28.68 36.52
N GLY A 255 -3.22 27.93 35.52
CA GLY A 255 -4.52 28.17 34.92
C GLY A 255 -5.72 27.87 35.80
N LEU A 256 -5.50 27.48 37.06
CA LEU A 256 -6.62 27.13 37.92
C LEU A 256 -7.53 28.33 38.15
N LYS A 257 -6.96 29.48 38.49
CA LYS A 257 -7.79 30.66 38.77
C LYS A 257 -8.58 31.07 37.54
N ALA A 258 -7.99 30.94 36.34
CA ALA A 258 -8.72 31.26 35.13
C ALA A 258 -9.96 30.38 34.98
N GLU A 259 -9.86 29.13 35.41
CA GLU A 259 -10.99 28.21 35.43
C GLU A 259 -11.39 27.96 36.88
N GLU A 260 -11.97 28.99 37.51
CA GLU A 260 -12.38 28.92 38.90
C GLU A 260 -13.88 28.74 39.07
N ARG A 261 -14.67 28.98 38.01
CA ARG A 261 -16.11 28.78 38.03
C ARG A 261 -16.48 27.87 36.86
N HIS A 262 -16.06 26.62 36.94
CA HIS A 262 -16.30 25.67 35.86
C HIS A 262 -16.52 24.28 36.46
N ARG A 263 -16.90 23.34 35.58
CA ARG A 263 -17.49 22.06 35.99
C ARG A 263 -16.75 21.43 37.17
N PRO A 264 -15.54 20.87 36.97
CA PRO A 264 -14.91 20.12 38.07
C PRO A 264 -14.22 21.01 39.09
N VAL A 265 -13.66 22.12 38.60
CA VAL A 265 -12.75 22.92 39.41
C VAL A 265 -13.51 23.60 40.55
N ARG A 266 -14.65 24.23 40.26
CA ARG A 266 -15.40 24.91 41.31
C ARG A 266 -15.94 23.91 42.32
N ASP A 267 -16.45 22.78 41.86
CA ASP A 267 -16.96 21.76 42.76
C ASP A 267 -15.86 21.22 43.66
N TRP A 268 -14.62 21.12 43.15
CA TRP A 268 -13.52 20.69 44.00
C TRP A 268 -13.12 21.77 44.99
N ILE A 269 -13.05 23.03 44.54
CA ILE A 269 -12.69 24.12 45.43
C ILE A 269 -13.66 24.20 46.60
N LEU A 270 -14.95 24.08 46.33
CA LEU A 270 -15.94 24.26 47.39
C LEU A 270 -15.84 23.18 48.46
N ARG A 271 -15.16 22.06 48.17
CA ARG A 271 -15.02 20.96 49.13
C ARG A 271 -13.66 20.98 49.84
N GLN A 272 -12.88 22.03 49.67
CA GLN A 272 -11.56 22.13 50.26
C GLN A 272 -11.50 23.34 51.19
N ARG A 273 -10.58 23.27 52.16
CA ARG A 273 -10.39 24.38 53.10
C ARG A 273 -9.58 25.47 52.43
N GLN A 274 -9.91 26.73 52.78
CA GLN A 274 -9.12 27.85 52.27
C GLN A 274 -7.69 27.80 52.78
N ASP A 275 -7.49 27.27 53.99
CA ASP A 275 -6.14 27.17 54.55
C ASP A 275 -5.23 26.34 53.68
N ASP A 276 -5.77 25.37 52.95
CA ASP A 276 -4.98 24.53 52.05
C ASP A 276 -5.03 24.99 50.60
N LEU A 277 -6.14 25.59 50.16
CA LEU A 277 -6.18 26.16 48.82
C LEU A 277 -5.24 27.35 48.68
N ASP A 278 -5.01 28.07 49.78
CA ASP A 278 -4.04 29.16 49.77
C ASP A 278 -2.60 28.68 49.79
N THR A 279 -2.38 27.38 49.93
CA THR A 279 -1.02 26.83 49.88
C THR A 279 -0.45 26.86 48.47
N LEU A 280 -1.27 27.13 47.46
CA LEU A 280 -0.79 27.11 46.08
C LEU A 280 -0.17 28.44 45.69
N GLY A 281 -0.58 29.54 46.32
CA GLY A 281 -0.07 30.84 45.96
C GLY A 281 -0.71 31.45 44.73
N LEU A 282 -1.83 30.90 44.29
CA LEU A 282 -2.51 31.36 43.08
C LEU A 282 -3.69 32.28 43.37
N GLY A 283 -4.07 32.44 44.64
CA GLY A 283 -5.18 33.31 45.00
C GLY A 283 -6.53 32.66 44.94
N LEU A 284 -6.61 31.34 44.86
CA LEU A 284 -7.91 30.66 44.79
C LEU A 284 -8.80 31.09 45.95
N GLN A 285 -10.11 31.06 45.71
CA GLN A 285 -11.09 31.51 46.68
C GLN A 285 -12.32 30.61 46.62
N GLY A 286 -13.00 30.47 47.75
CA GLY A 286 -14.19 29.64 47.84
C GLY A 286 -14.02 28.47 48.77
N GLY A 287 -12.94 28.47 49.55
CA GLY A 287 -12.65 27.36 50.41
C GLY A 287 -13.40 27.41 51.73
N ILE A 288 -13.53 26.25 52.35
CA ILE A 288 -14.19 26.12 53.65
C ILE A 288 -13.47 27.01 54.65
N PRO A 289 -14.14 28.03 55.20
CA PRO A 289 -13.44 28.93 56.13
C PRO A 289 -12.86 28.18 57.32
N ASN A 290 -11.64 28.55 57.69
CA ASN A 290 -11.01 28.00 58.89
C ASN A 290 -11.93 28.16 60.09
N GLY A 291 -11.97 27.13 60.93
CA GLY A 291 -12.81 27.14 62.12
C GLY A 291 -14.04 26.26 61.98
N ASP B 1 -4.08 -5.36 -35.70
CA ASP B 1 -2.85 -5.16 -34.93
C ASP B 1 -1.93 -6.36 -35.06
N ILE B 2 -0.64 -6.10 -35.30
CA ILE B 2 0.35 -7.17 -35.40
C ILE B 2 0.67 -7.66 -34.00
N GLU B 3 0.52 -8.96 -33.77
CA GLU B 3 0.80 -9.58 -32.48
C GLU B 3 2.20 -10.18 -32.52
N LEU B 4 3.07 -9.67 -31.66
CA LEU B 4 4.47 -10.10 -31.60
C LEU B 4 4.65 -11.06 -30.42
N THR B 5 5.05 -12.28 -30.72
CA THR B 5 5.27 -13.32 -29.72
C THR B 5 6.77 -13.53 -29.56
N GLN B 6 7.27 -13.38 -28.34
CA GLN B 6 8.69 -13.54 -28.05
C GLN B 6 8.95 -14.89 -27.44
N SER B 7 10.10 -15.48 -27.79
CA SER B 7 10.49 -16.79 -27.30
C SER B 7 12.01 -16.85 -27.17
N PRO B 8 12.54 -17.36 -26.05
CA PRO B 8 11.82 -17.88 -24.89
C PRO B 8 11.29 -16.77 -23.98
N ALA B 9 10.24 -17.06 -23.21
CA ALA B 9 9.74 -16.10 -22.25
C ALA B 9 10.73 -15.87 -21.11
N ILE B 10 11.50 -16.90 -20.76
CA ILE B 10 12.52 -16.81 -19.73
C ILE B 10 13.73 -17.59 -20.20
N MET B 11 14.92 -17.00 -20.05
CA MET B 11 16.16 -17.60 -20.52
C MET B 11 17.19 -17.57 -19.39
N SER B 12 17.91 -18.67 -19.23
CA SER B 12 18.92 -18.82 -18.18
C SER B 12 20.22 -19.25 -18.85
N ALA B 13 21.20 -18.35 -18.88
CA ALA B 13 22.42 -18.55 -19.65
C ALA B 13 23.64 -18.36 -18.77
N SER B 14 24.56 -19.31 -18.83
CA SER B 14 25.82 -19.17 -18.11
C SER B 14 26.71 -18.15 -18.82
N PRO B 15 27.46 -17.34 -18.08
CA PRO B 15 28.37 -16.40 -18.74
C PRO B 15 29.33 -17.10 -19.68
N GLY B 16 29.51 -16.53 -20.86
CA GLY B 16 30.30 -17.11 -21.92
C GLY B 16 29.49 -17.79 -23.00
N GLU B 17 28.22 -18.08 -22.75
CA GLU B 17 27.36 -18.74 -23.73
C GLU B 17 26.83 -17.75 -24.75
N LYS B 18 26.67 -18.24 -25.98
CA LYS B 18 25.97 -17.51 -27.02
C LYS B 18 24.48 -17.83 -26.94
N VAL B 19 23.64 -16.80 -26.92
CA VAL B 19 22.20 -16.98 -26.79
C VAL B 19 21.50 -16.20 -27.88
N THR B 20 20.28 -16.64 -28.19
CA THR B 20 19.48 -16.02 -29.25
C THR B 20 18.01 -16.07 -28.86
N MET B 21 17.35 -14.93 -28.92
CA MET B 21 15.92 -14.82 -28.67
C MET B 21 15.23 -14.38 -29.95
N THR B 22 13.95 -14.73 -30.08
CA THR B 22 13.22 -14.57 -31.32
C THR B 22 11.90 -13.84 -31.08
N CYS B 23 11.51 -13.06 -32.09
CA CYS B 23 10.26 -12.31 -32.12
C CYS B 23 9.53 -12.71 -33.39
N SER B 24 8.35 -13.31 -33.23
CA SER B 24 7.54 -13.79 -34.34
C SER B 24 6.32 -12.90 -34.50
N ALA B 25 6.11 -12.39 -35.71
CA ALA B 25 5.03 -11.47 -36.00
C ALA B 25 3.92 -12.19 -36.77
N SER B 26 2.69 -11.71 -36.60
CA SER B 26 1.55 -12.29 -37.31
C SER B 26 1.54 -11.90 -38.78
N SER B 27 2.21 -10.80 -39.15
CA SER B 27 2.30 -10.37 -40.54
C SER B 27 3.70 -9.81 -40.78
N SER B 28 4.04 -9.62 -42.04
CA SER B 28 5.36 -9.13 -42.39
C SER B 28 5.54 -7.70 -41.90
N VAL B 29 6.71 -7.42 -41.36
CA VAL B 29 7.05 -6.11 -40.83
C VAL B 29 8.33 -5.63 -41.52
N SER B 30 8.33 -4.37 -41.94
CA SER B 30 9.49 -3.82 -42.65
C SER B 30 10.71 -3.73 -41.73
N TYR B 31 10.51 -3.35 -40.47
CA TYR B 31 11.61 -3.15 -39.54
C TYR B 31 11.18 -3.60 -38.14
N MET B 32 12.17 -3.80 -37.28
CA MET B 32 11.96 -4.17 -35.89
C MET B 32 12.98 -3.48 -35.02
N HIS B 33 12.57 -3.15 -33.80
CA HIS B 33 13.45 -2.53 -32.81
C HIS B 33 13.47 -3.38 -31.54
N TRP B 34 14.60 -3.33 -30.84
CA TRP B 34 14.80 -4.10 -29.62
C TRP B 34 15.24 -3.17 -28.50
N TYR B 35 14.48 -3.19 -27.40
CA TYR B 35 14.77 -2.39 -26.22
C TYR B 35 15.14 -3.30 -25.05
N GLN B 36 16.09 -2.85 -24.24
CA GLN B 36 16.45 -3.53 -23.01
C GLN B 36 15.86 -2.77 -21.83
N GLN B 37 15.27 -3.52 -20.89
CA GLN B 37 14.70 -2.93 -19.68
C GLN B 37 15.17 -3.76 -18.49
N LYS B 38 15.81 -3.09 -17.54
CA LYS B 38 16.16 -3.70 -16.27
C LYS B 38 15.19 -3.21 -15.20
N SER B 39 14.81 -4.11 -14.29
CA SER B 39 13.78 -3.82 -13.31
C SER B 39 13.96 -2.44 -12.71
N GLY B 40 12.84 -1.76 -12.47
CA GLY B 40 12.86 -0.42 -11.91
C GLY B 40 13.64 0.56 -12.76
N THR B 41 13.38 0.56 -14.06
CA THR B 41 14.10 1.44 -14.97
C THR B 41 13.28 1.61 -16.24
N SER B 42 13.53 2.72 -16.93
CA SER B 42 12.85 2.95 -18.19
C SER B 42 13.52 2.13 -19.30
N PRO B 43 12.74 1.61 -20.26
CA PRO B 43 13.36 0.87 -21.37
C PRO B 43 14.40 1.72 -22.09
N LYS B 44 15.43 1.04 -22.61
CA LYS B 44 16.53 1.68 -23.30
C LYS B 44 16.62 1.10 -24.70
N ARG B 45 16.88 1.96 -25.69
CA ARG B 45 16.97 1.50 -27.07
C ARG B 45 18.27 0.73 -27.26
N TRP B 46 18.15 -0.53 -27.69
CA TRP B 46 19.29 -1.42 -27.84
C TRP B 46 19.66 -1.65 -29.30
N ILE B 47 18.68 -1.95 -30.15
CA ILE B 47 18.90 -2.15 -31.58
C ILE B 47 17.76 -1.47 -32.33
N TYR B 48 18.11 -0.72 -33.38
CA TYR B 48 17.10 -0.07 -34.21
C TYR B 48 17.34 -0.43 -35.67
N ASP B 49 16.29 -0.26 -36.47
CA ASP B 49 16.31 -0.66 -37.88
C ASP B 49 16.83 -2.08 -38.03
N THR B 50 16.24 -2.99 -37.25
CA THR B 50 16.47 -4.42 -37.38
C THR B 50 17.83 -4.87 -36.89
N SER B 51 18.90 -4.17 -37.28
CA SER B 51 20.25 -4.66 -37.02
C SER B 51 21.25 -3.61 -36.56
N LYS B 52 20.91 -2.32 -36.53
CA LYS B 52 21.85 -1.30 -36.11
C LYS B 52 21.90 -1.21 -34.59
N LEU B 53 23.11 -1.16 -34.03
CA LEU B 53 23.28 -1.05 -32.59
C LEU B 53 23.23 0.41 -32.17
N ALA B 54 22.52 0.68 -31.08
CA ALA B 54 22.39 2.02 -30.56
C ALA B 54 23.69 2.45 -29.87
N SER B 55 23.81 3.76 -29.68
CA SER B 55 25.02 4.32 -29.07
C SER B 55 25.25 3.74 -27.68
N GLY B 56 26.40 3.10 -27.50
CA GLY B 56 26.78 2.55 -26.21
C GLY B 56 26.49 1.07 -26.03
N VAL B 57 25.85 0.42 -26.99
CA VAL B 57 25.51 -0.99 -26.85
C VAL B 57 26.75 -1.82 -27.18
N PRO B 58 27.16 -2.77 -26.32
CA PRO B 58 28.33 -3.60 -26.64
C PRO B 58 28.23 -4.28 -27.98
N GLY B 59 29.37 -4.70 -28.53
CA GLY B 59 29.39 -5.35 -29.82
C GLY B 59 28.93 -6.80 -29.80
N ARG B 60 28.87 -7.41 -28.63
CA ARG B 60 28.39 -8.79 -28.53
C ARG B 60 26.91 -8.90 -28.85
N PHE B 61 26.18 -7.78 -28.90
CA PHE B 61 24.77 -7.77 -29.25
C PHE B 61 24.61 -7.57 -30.75
N SER B 62 23.68 -8.31 -31.35
CA SER B 62 23.37 -8.17 -32.76
C SER B 62 21.88 -8.42 -32.98
N GLY B 63 21.34 -7.82 -34.01
CA GLY B 63 19.94 -8.02 -34.36
C GLY B 63 19.80 -8.28 -35.84
N SER B 64 18.85 -9.15 -36.19
CA SER B 64 18.65 -9.51 -37.58
C SER B 64 17.22 -10.00 -37.75
N GLY B 65 16.86 -10.34 -38.99
CA GLY B 65 15.58 -10.93 -39.30
C GLY B 65 14.91 -10.26 -40.48
N SER B 66 13.73 -10.79 -40.81
CA SER B 66 12.91 -10.28 -41.91
C SER B 66 11.53 -10.90 -41.81
N GLY B 67 10.60 -10.33 -42.58
CA GLY B 67 9.26 -10.86 -42.67
C GLY B 67 8.61 -11.11 -41.31
N ASN B 68 8.39 -12.38 -41.00
CA ASN B 68 7.68 -12.77 -39.79
C ASN B 68 8.61 -13.10 -38.63
N SER B 69 9.91 -13.23 -38.86
CA SER B 69 10.84 -13.73 -37.86
C SER B 69 12.00 -12.76 -37.70
N TYR B 70 12.21 -12.26 -36.48
CA TYR B 70 13.36 -11.45 -36.14
C TYR B 70 14.03 -12.05 -34.92
N SER B 71 15.30 -11.69 -34.72
CA SER B 71 16.08 -12.31 -33.65
C SER B 71 17.11 -11.32 -33.12
N LEU B 72 17.42 -11.49 -31.84
CA LEU B 72 18.49 -10.78 -31.16
C LEU B 72 19.44 -11.80 -30.57
N THR B 73 20.74 -11.63 -30.83
CA THR B 73 21.76 -12.59 -30.46
C THR B 73 22.81 -11.92 -29.59
N ILE B 74 23.19 -12.58 -28.51
CA ILE B 74 24.31 -12.19 -27.67
C ILE B 74 25.41 -13.22 -27.86
N SER B 75 26.56 -12.78 -28.34
CA SER B 75 27.64 -13.71 -28.67
C SER B 75 28.21 -14.35 -27.39
N SER B 76 28.58 -13.53 -26.42
CA SER B 76 29.15 -14.00 -25.16
C SER B 76 28.39 -13.33 -24.02
N VAL B 77 27.40 -14.04 -23.47
CA VAL B 77 26.60 -13.49 -22.39
C VAL B 77 27.50 -13.14 -21.22
N GLU B 78 27.27 -11.97 -20.63
CA GLU B 78 27.99 -11.52 -19.46
C GLU B 78 26.99 -11.11 -18.38
N ALA B 79 27.43 -11.20 -17.12
CA ALA B 79 26.52 -11.01 -16.00
C ALA B 79 25.81 -9.65 -16.04
N GLU B 80 26.33 -8.69 -16.79
CA GLU B 80 25.73 -7.36 -16.88
C GLU B 80 24.60 -7.29 -17.90
N ASP B 81 24.09 -8.43 -18.38
CA ASP B 81 23.06 -8.46 -19.41
C ASP B 81 21.76 -9.11 -18.94
N ASP B 82 21.59 -9.24 -17.63
CA ASP B 82 20.34 -9.78 -17.07
C ASP B 82 19.26 -8.71 -17.16
N ALA B 83 18.19 -8.98 -17.91
CA ALA B 83 17.20 -7.94 -18.20
C ALA B 83 16.13 -8.52 -19.12
N THR B 84 15.06 -7.74 -19.32
CA THR B 84 13.98 -8.14 -20.21
C THR B 84 14.08 -7.36 -21.52
N TYR B 85 14.08 -8.08 -22.63
CA TYR B 85 14.23 -7.49 -23.96
C TYR B 85 12.90 -7.53 -24.70
N TYR B 86 12.48 -6.38 -25.20
CA TYR B 86 11.20 -6.21 -25.87
C TYR B 86 11.42 -5.88 -27.34
N CYS B 87 10.67 -6.53 -28.22
CA CYS B 87 10.67 -6.19 -29.64
C CYS B 87 9.47 -5.31 -29.97
N GLN B 88 9.66 -4.44 -30.96
CA GLN B 88 8.65 -3.48 -31.38
C GLN B 88 8.65 -3.43 -32.91
N GLN B 89 7.47 -3.58 -33.50
CA GLN B 89 7.33 -3.53 -34.96
C GLN B 89 7.02 -2.11 -35.38
N TRP B 90 7.73 -1.63 -36.41
CA TRP B 90 7.58 -0.30 -36.95
C TRP B 90 7.07 -0.35 -38.39
N SER B 91 6.13 -1.26 -38.65
CA SER B 91 5.58 -1.44 -39.98
C SER B 91 4.16 -0.90 -40.09
N LYS B 92 3.22 -1.46 -39.33
CA LYS B 92 1.80 -1.18 -39.50
C LYS B 92 1.23 -0.51 -38.26
N HIS B 93 0.43 0.51 -38.47
CA HIS B 93 -0.27 1.17 -37.38
C HIS B 93 -1.29 0.22 -36.77
N PRO B 94 -1.39 0.12 -35.43
CA PRO B 94 -0.62 0.84 -34.40
C PRO B 94 0.69 0.15 -34.05
N LEU B 95 1.58 0.86 -33.37
CA LEU B 95 2.79 0.24 -32.84
C LEU B 95 2.41 -0.84 -31.83
N THR B 96 3.22 -1.89 -31.78
CA THR B 96 2.95 -3.01 -30.89
C THR B 96 4.27 -3.56 -30.37
N PHE B 97 4.28 -3.92 -29.08
CA PHE B 97 5.45 -4.47 -28.43
C PHE B 97 5.29 -5.97 -28.22
N GLY B 98 6.42 -6.64 -28.07
CA GLY B 98 6.40 -8.04 -27.71
C GLY B 98 6.22 -8.24 -26.22
N SER B 99 5.84 -9.46 -25.84
CA SER B 99 5.67 -9.81 -24.44
C SER B 99 6.99 -9.85 -23.68
N GLY B 100 8.11 -9.80 -24.38
CA GLY B 100 9.41 -9.71 -23.71
C GLY B 100 10.05 -11.06 -23.50
N THR B 101 11.39 -11.05 -23.47
CA THR B 101 12.19 -12.21 -23.12
C THR B 101 13.09 -11.81 -21.96
N LYS B 102 12.93 -12.48 -20.82
CA LYS B 102 13.70 -12.16 -19.64
C LYS B 102 14.93 -13.06 -19.56
N VAL B 103 16.10 -12.43 -19.37
CA VAL B 103 17.39 -13.11 -19.39
C VAL B 103 17.95 -13.05 -17.98
N GLU B 104 18.11 -14.23 -17.39
CA GLU B 104 18.76 -14.46 -16.11
C GLU B 104 20.13 -15.11 -16.34
N ILE B 105 21.01 -14.96 -15.36
CA ILE B 105 22.38 -15.48 -15.44
C ILE B 105 22.48 -16.72 -14.56
N LYS B 106 23.02 -17.80 -15.12
CA LYS B 106 23.34 -18.98 -14.33
C LYS B 106 24.61 -18.75 -13.53
N ARG B 107 24.69 -19.39 -12.36
CA ARG B 107 25.86 -19.25 -11.50
C ARG B 107 25.89 -20.43 -10.55
N THR B 108 27.03 -20.56 -9.86
CA THR B 108 27.16 -21.62 -8.86
C THR B 108 26.12 -21.45 -7.76
N VAL B 109 25.76 -22.58 -7.14
CA VAL B 109 24.80 -22.53 -6.05
C VAL B 109 25.38 -21.71 -4.91
N ALA B 110 24.51 -20.98 -4.21
CA ALA B 110 24.91 -20.15 -3.08
C ALA B 110 23.84 -20.22 -2.01
N ALA B 111 24.21 -20.71 -0.82
CA ALA B 111 23.27 -20.82 0.27
C ALA B 111 22.97 -19.43 0.85
N PRO B 112 21.83 -19.26 1.50
CA PRO B 112 21.45 -17.94 1.99
C PRO B 112 22.12 -17.58 3.30
N SER B 113 22.34 -16.28 3.50
CA SER B 113 22.77 -15.75 4.79
C SER B 113 21.51 -15.31 5.54
N VAL B 114 21.17 -16.01 6.62
CA VAL B 114 19.90 -15.81 7.31
C VAL B 114 20.12 -14.91 8.52
N PHE B 115 19.25 -13.91 8.67
CA PHE B 115 19.23 -13.03 9.82
C PHE B 115 17.79 -12.83 10.28
N ILE B 116 17.62 -12.51 11.55
CA ILE B 116 16.30 -12.26 12.11
C ILE B 116 16.32 -10.95 12.89
N PHE B 117 15.30 -10.14 12.70
CA PHE B 117 15.17 -8.83 13.32
C PHE B 117 13.88 -8.81 14.12
N PRO B 118 13.94 -8.68 15.45
CA PRO B 118 12.70 -8.56 16.24
C PRO B 118 12.05 -7.21 16.03
N PRO B 119 10.83 -7.03 16.53
CA PRO B 119 10.15 -5.74 16.37
C PRO B 119 10.81 -4.66 17.21
N SER B 120 10.98 -3.48 16.60
CA SER B 120 11.56 -2.35 17.32
C SER B 120 10.64 -1.94 18.47
N ASP B 121 11.21 -1.20 19.43
CA ASP B 121 10.41 -0.68 20.51
C ASP B 121 9.45 0.41 20.03
N GLU B 122 9.86 1.19 19.03
CA GLU B 122 8.96 2.21 18.49
C GLU B 122 7.69 1.59 17.93
N GLN B 123 7.84 0.52 17.12
CA GLN B 123 6.66 -0.10 16.53
C GLN B 123 5.74 -0.67 17.61
N LEU B 124 6.32 -1.31 18.63
CA LEU B 124 5.49 -1.82 19.72
C LEU B 124 4.75 -0.69 20.42
N LYS B 125 5.43 0.44 20.62
CA LYS B 125 4.74 1.62 21.15
C LYS B 125 3.59 2.03 20.24
N SER B 126 3.73 1.81 18.93
CA SER B 126 2.67 2.17 18.00
C SER B 126 1.50 1.19 18.05
N GLY B 127 1.70 -0.03 18.56
CA GLY B 127 0.63 -0.99 18.73
C GLY B 127 0.71 -2.21 17.84
N THR B 128 1.77 -2.36 17.05
CA THR B 128 1.94 -3.51 16.18
C THR B 128 3.37 -4.05 16.35
N ALA B 129 3.58 -5.27 15.84
CA ALA B 129 4.88 -5.91 15.90
C ALA B 129 5.17 -6.56 14.56
N SER B 130 6.39 -6.38 14.07
CA SER B 130 6.82 -6.95 12.78
C SER B 130 8.17 -7.61 12.97
N VAL B 131 8.21 -8.93 12.81
CA VAL B 131 9.44 -9.70 12.88
C VAL B 131 9.91 -9.96 11.45
N VAL B 132 11.15 -9.57 11.15
CA VAL B 132 11.70 -9.68 9.81
C VAL B 132 12.69 -10.83 9.77
N CYS B 133 12.67 -11.60 8.67
CA CYS B 133 13.61 -12.69 8.44
C CYS B 133 14.23 -12.46 7.07
N LEU B 134 15.54 -12.22 7.04
CA LEU B 134 16.26 -11.84 5.84
C LEU B 134 17.09 -13.01 5.34
N LEU B 135 16.91 -13.38 4.08
CA LEU B 135 17.76 -14.33 3.37
C LEU B 135 18.58 -13.52 2.37
N ASN B 136 19.88 -13.45 2.59
CA ASN B 136 20.75 -12.55 1.84
C ASN B 136 21.63 -13.34 0.88
N ASN B 137 21.61 -12.90 -0.39
CA ASN B 137 22.50 -13.39 -1.43
C ASN B 137 22.49 -14.91 -1.55
N PHE B 138 21.59 -15.46 -2.36
CA PHE B 138 21.49 -16.89 -2.57
C PHE B 138 21.10 -17.16 -4.02
N TYR B 139 21.27 -18.41 -4.44
CA TYR B 139 20.91 -18.88 -5.76
C TYR B 139 20.79 -20.39 -5.72
N PRO B 140 19.75 -20.98 -6.32
CA PRO B 140 18.67 -20.45 -7.14
C PRO B 140 17.65 -19.58 -6.40
N ARG B 141 16.61 -19.16 -7.13
CA ARG B 141 15.59 -18.25 -6.58
C ARG B 141 14.62 -18.94 -5.63
N GLU B 142 14.48 -20.27 -5.73
CA GLU B 142 13.48 -20.98 -4.95
C GLU B 142 13.99 -21.22 -3.53
N ALA B 143 13.29 -20.66 -2.55
CA ALA B 143 13.61 -20.87 -1.14
C ALA B 143 12.31 -20.85 -0.35
N LYS B 144 12.31 -21.51 0.80
CA LYS B 144 11.11 -21.66 1.62
C LYS B 144 11.38 -21.12 3.00
N VAL B 145 10.66 -20.06 3.38
CA VAL B 145 10.68 -19.51 4.73
C VAL B 145 9.47 -20.04 5.47
N GLN B 146 9.63 -20.30 6.77
CA GLN B 146 8.53 -20.83 7.58
C GLN B 146 8.66 -20.30 8.99
N TRP B 147 7.66 -19.55 9.44
CA TRP B 147 7.68 -18.96 10.78
C TRP B 147 7.16 -19.95 11.81
N LYS B 148 7.71 -19.86 13.02
CA LYS B 148 7.30 -20.73 14.12
C LYS B 148 7.36 -19.96 15.42
N VAL B 149 6.24 -19.93 16.14
CA VAL B 149 6.10 -19.23 17.41
C VAL B 149 5.87 -20.27 18.49
N ASP B 150 6.82 -20.38 19.42
CA ASP B 150 6.76 -21.40 20.45
C ASP B 150 6.53 -22.78 19.84
N ASN B 151 7.27 -23.06 18.76
CA ASN B 151 7.22 -24.32 18.03
C ASN B 151 5.91 -24.52 17.29
N ALA B 152 5.04 -23.51 17.24
CA ALA B 152 3.77 -23.61 16.55
C ALA B 152 3.93 -23.10 15.13
N LEU B 153 3.69 -23.96 14.15
CA LEU B 153 3.81 -23.58 12.75
C LEU B 153 2.76 -22.52 12.41
N GLN B 154 3.22 -21.39 11.87
CA GLN B 154 2.36 -20.27 11.54
C GLN B 154 1.97 -20.31 10.07
N SER B 155 0.89 -19.61 9.74
CA SER B 155 0.40 -19.54 8.38
C SER B 155 -0.62 -18.42 8.27
N GLY B 156 -0.55 -17.66 7.18
CA GLY B 156 -1.50 -16.60 6.92
C GLY B 156 -1.16 -15.26 7.55
N ASN B 157 -0.08 -15.18 8.33
CA ASN B 157 0.32 -13.94 8.98
C ASN B 157 1.69 -13.46 8.52
N SER B 158 2.19 -13.99 7.40
CA SER B 158 3.51 -13.65 6.89
C SER B 158 3.41 -13.22 5.43
N GLN B 159 4.35 -12.37 5.02
CA GLN B 159 4.43 -11.91 3.64
C GLN B 159 5.89 -11.87 3.20
N GLU B 160 6.15 -12.31 1.97
CA GLU B 160 7.50 -12.42 1.46
C GLU B 160 7.70 -11.50 0.27
N SER B 161 8.96 -11.12 0.06
CA SER B 161 9.34 -10.30 -1.09
C SER B 161 10.73 -10.72 -1.54
N VAL B 162 10.89 -10.93 -2.85
CA VAL B 162 12.15 -11.34 -3.44
C VAL B 162 12.68 -10.20 -4.31
N THR B 163 14.00 -10.02 -4.30
CA THR B 163 14.63 -8.99 -5.10
C THR B 163 14.94 -9.53 -6.50
N GLU B 164 15.51 -8.68 -7.34
CA GLU B 164 15.96 -9.09 -8.65
C GLU B 164 17.44 -9.47 -8.59
N GLN B 165 17.93 -10.05 -9.69
CA GLN B 165 19.28 -10.59 -9.71
C GLN B 165 20.30 -9.47 -9.56
N ASP B 166 21.13 -9.56 -8.52
CA ASP B 166 22.15 -8.56 -8.28
C ASP B 166 23.08 -8.44 -9.48
N SER B 167 23.57 -7.21 -9.72
CA SER B 167 24.45 -6.98 -10.85
C SER B 167 25.84 -7.57 -10.60
N LYS B 168 26.30 -7.51 -9.35
CA LYS B 168 27.64 -8.01 -9.04
C LYS B 168 27.65 -9.53 -8.90
N ASP B 169 26.82 -10.06 -7.99
CA ASP B 169 26.90 -11.46 -7.62
C ASP B 169 25.99 -12.36 -8.46
N SER B 170 24.99 -11.79 -9.13
CA SER B 170 23.96 -12.59 -9.80
C SER B 170 23.16 -13.41 -8.79
N THR B 171 23.01 -12.86 -7.58
CA THR B 171 22.31 -13.54 -6.48
C THR B 171 21.00 -12.82 -6.19
N TYR B 172 20.09 -13.55 -5.56
CA TYR B 172 18.81 -13.00 -5.12
C TYR B 172 18.81 -12.82 -3.61
N SER B 173 17.92 -11.95 -3.14
CA SER B 173 17.67 -11.76 -1.72
C SER B 173 16.17 -11.79 -1.46
N LEU B 174 15.80 -12.23 -0.26
CA LEU B 174 14.41 -12.38 0.12
C LEU B 174 14.21 -11.85 1.52
N SER B 175 13.00 -11.37 1.81
CA SER B 175 12.65 -10.92 3.14
C SER B 175 11.23 -11.38 3.45
N SER B 176 11.04 -11.97 4.62
CA SER B 176 9.73 -12.41 5.08
C SER B 176 9.39 -11.65 6.36
N THR B 177 8.29 -10.91 6.33
CA THR B 177 7.82 -10.13 7.47
C THR B 177 6.59 -10.81 8.06
N LEU B 178 6.62 -11.04 9.37
CA LEU B 178 5.52 -11.60 10.13
C LEU B 178 4.95 -10.49 10.99
N THR B 179 3.67 -10.16 10.80
CA THR B 179 3.03 -9.05 11.48
C THR B 179 1.98 -9.56 12.46
N LEU B 180 1.96 -8.93 13.64
CA LEU B 180 0.98 -9.27 14.67
C LEU B 180 0.64 -8.00 15.43
N SER B 181 -0.42 -8.08 16.23
CA SER B 181 -0.72 -7.01 17.18
C SER B 181 0.22 -7.11 18.37
N LYS B 182 0.32 -6.00 19.12
CA LYS B 182 1.15 -6.03 20.31
C LYS B 182 0.67 -7.08 21.30
N ALA B 183 -0.66 -7.25 21.41
CA ALA B 183 -1.20 -8.25 22.32
C ALA B 183 -0.80 -9.65 21.90
N ASP B 184 -1.05 -9.99 20.62
CA ASP B 184 -0.66 -11.31 20.14
C ASP B 184 0.84 -11.53 20.24
N TYR B 185 1.63 -10.50 19.95
CA TYR B 185 3.08 -10.64 20.01
C TYR B 185 3.55 -10.87 21.45
N GLU B 186 2.92 -10.20 22.42
CA GLU B 186 3.31 -10.34 23.81
C GLU B 186 2.79 -11.63 24.44
N LYS B 187 1.86 -12.33 23.78
CA LYS B 187 1.32 -13.57 24.32
C LYS B 187 2.34 -14.71 24.30
N HIS B 188 3.38 -14.61 23.49
CA HIS B 188 4.30 -15.71 23.23
C HIS B 188 5.71 -15.30 23.61
N LYS B 189 6.66 -16.21 23.37
CA LYS B 189 8.03 -16.04 23.84
C LYS B 189 9.04 -16.27 22.72
N VAL B 190 9.03 -17.46 22.13
CA VAL B 190 10.01 -17.84 21.12
C VAL B 190 9.48 -17.47 19.74
N TYR B 191 10.35 -16.85 18.93
CA TYR B 191 10.02 -16.53 17.54
C TYR B 191 11.18 -16.98 16.67
N ALA B 192 10.90 -17.86 15.71
CA ALA B 192 11.94 -18.39 14.85
C ALA B 192 11.46 -18.38 13.41
N CYS B 193 12.41 -18.23 12.49
CA CYS B 193 12.18 -18.50 11.08
C CYS B 193 13.09 -19.64 10.65
N GLU B 194 12.50 -20.63 9.99
CA GLU B 194 13.18 -21.80 9.46
C GLU B 194 13.28 -21.66 7.95
N VAL B 195 14.50 -21.77 7.43
CA VAL B 195 14.79 -21.56 6.02
C VAL B 195 15.19 -22.89 5.40
N THR B 196 14.59 -23.20 4.26
CA THR B 196 14.94 -24.37 3.46
C THR B 196 15.37 -23.89 2.08
N HIS B 197 16.52 -24.38 1.62
CA HIS B 197 17.07 -23.94 0.35
C HIS B 197 17.92 -25.07 -0.24
N GLN B 198 18.13 -24.99 -1.55
CA GLN B 198 18.93 -26.01 -2.24
C GLN B 198 20.35 -26.06 -1.70
N GLY B 199 20.92 -24.93 -1.31
CA GLY B 199 22.26 -24.86 -0.79
C GLY B 199 22.42 -25.19 0.67
N LEU B 200 21.36 -25.63 1.34
CA LEU B 200 21.40 -26.01 2.75
C LEU B 200 21.10 -27.49 2.87
N SER B 201 22.04 -28.24 3.46
CA SER B 201 21.86 -29.68 3.61
C SER B 201 20.59 -30.00 4.38
N SER B 202 20.28 -29.21 5.40
CA SER B 202 19.08 -29.38 6.20
C SER B 202 18.58 -28.01 6.62
N PRO B 203 17.30 -27.89 6.96
CA PRO B 203 16.74 -26.59 7.32
C PRO B 203 17.58 -25.85 8.34
N VAL B 204 17.78 -24.55 8.09
CA VAL B 204 18.42 -23.65 9.05
C VAL B 204 17.32 -22.98 9.87
N THR B 205 17.67 -22.50 11.06
CA THR B 205 16.71 -21.83 11.92
C THR B 205 17.39 -20.69 12.66
N LYS B 206 16.78 -19.51 12.59
CA LYS B 206 17.23 -18.35 13.37
C LYS B 206 16.08 -17.88 14.25
N SER B 207 16.36 -17.72 15.54
CA SER B 207 15.31 -17.55 16.54
C SER B 207 15.72 -16.51 17.57
N PHE B 208 14.74 -16.11 18.38
CA PHE B 208 14.99 -15.19 19.49
C PHE B 208 13.87 -15.32 20.52
N ASN B 209 14.21 -15.02 21.76
CA ASN B 209 13.25 -14.97 22.86
C ASN B 209 12.83 -13.52 23.09
N ARG B 210 11.52 -13.28 23.12
CA ARG B 210 11.01 -11.93 23.30
C ARG B 210 11.48 -11.36 24.63
N GLY B 211 12.24 -10.26 24.56
CA GLY B 211 12.78 -9.63 25.75
C GLY B 211 14.27 -9.83 25.89
N GLU B 212 14.72 -11.08 25.86
CA GLU B 212 16.13 -11.39 26.01
C GLU B 212 16.97 -10.76 24.92
N PCA C 1 22.45 17.93 -22.88
CA PCA C 1 22.02 16.51 -23.13
CB PCA C 1 22.37 15.64 -21.94
CG PCA C 1 22.63 16.59 -20.78
CD PCA C 1 22.79 17.92 -21.46
OE PCA C 1 23.20 18.90 -20.84
C PCA C 1 20.53 16.45 -23.38
O PCA C 1 19.79 17.37 -23.07
H PCA C 1 23.32 17.96 -22.74
HA PCA C 1 22.51 16.18 -23.91
HB2 PCA C 1 21.63 15.03 -21.74
HB3 PCA C 1 23.16 15.09 -22.15
HG2 PCA C 1 21.89 16.58 -20.15
HG3 PCA C 1 23.44 16.32 -20.29
N VAL C 2 20.07 15.33 -23.95
CA VAL C 2 18.65 15.10 -24.17
C VAL C 2 18.03 14.53 -22.90
N GLN C 3 16.97 15.17 -22.40
CA GLN C 3 16.33 14.76 -21.16
C GLN C 3 14.82 14.95 -21.26
N LEU C 4 14.09 13.96 -20.77
CA LEU C 4 12.62 13.98 -20.72
C LEU C 4 12.23 13.88 -19.26
N GLN C 5 11.95 15.04 -18.64
CA GLN C 5 11.61 15.11 -17.23
C GLN C 5 10.10 14.94 -17.08
N GLN C 6 9.68 13.84 -16.45
CA GLN C 6 8.27 13.55 -16.31
C GLN C 6 7.74 14.06 -14.97
N SER C 7 6.42 14.20 -14.91
CA SER C 7 5.77 14.62 -13.68
C SER C 7 5.93 13.56 -12.60
N GLY C 8 5.41 13.84 -11.42
CA GLY C 8 5.59 12.98 -10.28
C GLY C 8 4.46 11.98 -10.11
N PRO C 9 4.56 11.14 -9.08
CA PRO C 9 3.51 10.13 -8.84
C PRO C 9 2.15 10.78 -8.67
N GLU C 10 1.10 10.02 -8.97
CA GLU C 10 -0.26 10.53 -8.98
C GLU C 10 -1.21 9.51 -8.35
N LEU C 11 -2.20 10.03 -7.62
CA LEU C 11 -3.28 9.22 -7.06
C LEU C 11 -4.59 9.91 -7.38
N GLU C 12 -5.55 9.16 -7.93
CA GLU C 12 -6.84 9.73 -8.29
C GLU C 12 -7.94 8.70 -8.10
N LYS C 13 -9.15 9.19 -7.80
CA LYS C 13 -10.26 8.30 -7.51
C LYS C 13 -10.97 7.88 -8.80
N PRO C 14 -11.58 6.71 -8.82
CA PRO C 14 -12.24 6.24 -10.05
C PRO C 14 -13.24 7.27 -10.57
N GLY C 15 -13.38 7.30 -11.89
CA GLY C 15 -14.23 8.27 -12.54
C GLY C 15 -13.62 9.63 -12.75
N ALA C 16 -12.48 9.92 -12.12
CA ALA C 16 -11.84 11.21 -12.22
C ALA C 16 -10.92 11.24 -13.44
N SER C 17 -10.05 12.23 -13.52
CA SER C 17 -9.07 12.35 -14.59
C SER C 17 -7.79 12.93 -14.00
N VAL C 18 -6.70 12.76 -14.74
CA VAL C 18 -5.40 13.30 -14.35
C VAL C 18 -4.67 13.76 -15.60
N LYS C 19 -3.67 14.62 -15.42
CA LYS C 19 -2.86 15.13 -16.51
C LYS C 19 -1.40 15.06 -16.10
N ILE C 20 -0.61 14.31 -16.87
CA ILE C 20 0.81 14.12 -16.56
C ILE C 20 1.62 14.79 -17.68
N SER C 21 2.83 15.22 -17.32
CA SER C 21 3.63 16.10 -18.16
C SER C 21 4.95 15.44 -18.55
N CYS C 22 5.58 16.03 -19.56
CA CYS C 22 6.89 15.58 -20.05
C CYS C 22 7.59 16.81 -20.59
N LYS C 23 8.56 17.33 -19.83
CA LYS C 23 9.37 18.47 -20.23
C LYS C 23 10.56 17.96 -21.03
N ALA C 24 10.67 18.41 -22.29
CA ALA C 24 11.77 18.03 -23.16
C ALA C 24 12.89 19.06 -23.06
N SER C 25 14.13 18.58 -23.03
CA SER C 25 15.29 19.44 -22.90
C SER C 25 16.43 18.89 -23.74
N GLY C 26 17.21 19.80 -24.33
CA GLY C 26 18.39 19.42 -25.11
C GLY C 26 18.18 19.35 -26.60
N TYR C 27 16.97 19.61 -27.09
CA TYR C 27 16.70 19.54 -28.52
C TYR C 27 15.43 20.31 -28.82
N SER C 28 15.26 20.65 -30.09
CA SER C 28 14.06 21.34 -30.57
C SER C 28 12.98 20.29 -30.83
N PHE C 29 12.08 20.10 -29.87
CA PHE C 29 11.11 19.02 -29.95
C PHE C 29 10.01 19.28 -30.97
N THR C 30 10.04 20.41 -31.67
CA THR C 30 8.98 20.74 -32.61
C THR C 30 8.94 19.77 -33.79
N GLY C 31 10.08 19.16 -34.12
CA GLY C 31 10.15 18.30 -35.29
C GLY C 31 9.94 16.83 -35.00
N TYR C 32 10.26 16.41 -33.78
CA TYR C 32 10.18 15.00 -33.42
C TYR C 32 8.78 14.65 -32.92
N THR C 33 8.50 13.36 -32.90
CA THR C 33 7.26 12.85 -32.32
C THR C 33 7.47 12.55 -30.85
N MET C 34 6.42 12.76 -30.06
CA MET C 34 6.40 12.42 -28.65
C MET C 34 5.39 11.29 -28.46
N ASN C 35 5.89 10.10 -28.11
CA ASN C 35 5.08 8.92 -27.89
C ASN C 35 4.86 8.71 -26.40
N TRP C 36 3.76 8.04 -26.07
CA TRP C 36 3.44 7.66 -24.70
C TRP C 36 3.23 6.16 -24.62
N VAL C 37 3.80 5.55 -23.59
CA VAL C 37 3.77 4.09 -23.41
C VAL C 37 3.23 3.79 -22.01
N LYS C 38 2.46 2.72 -21.91
CA LYS C 38 1.90 2.25 -20.64
C LYS C 38 2.55 0.94 -20.25
N GLN C 39 2.83 0.77 -18.96
CA GLN C 39 3.34 -0.50 -18.44
C GLN C 39 2.70 -0.75 -17.08
N SER C 40 1.87 -1.79 -17.01
CA SER C 40 1.28 -2.22 -15.75
C SER C 40 2.26 -3.17 -15.06
N HIS C 41 2.36 -3.01 -13.73
CA HIS C 41 3.32 -3.80 -12.96
C HIS C 41 3.23 -5.27 -13.33
N GLY C 42 4.38 -5.86 -13.65
CA GLY C 42 4.45 -7.26 -14.02
C GLY C 42 3.98 -7.58 -15.43
N LYS C 43 3.63 -6.57 -16.22
CA LYS C 43 3.13 -6.76 -17.57
C LYS C 43 4.10 -6.11 -18.57
N SER C 44 3.75 -6.20 -19.84
CA SER C 44 4.61 -5.73 -20.91
C SER C 44 4.29 -4.27 -21.23
N LEU C 45 4.74 -3.79 -22.38
CA LEU C 45 4.56 -2.40 -22.78
C LEU C 45 3.40 -2.28 -23.77
N GLU C 46 2.77 -1.11 -23.77
CA GLU C 46 1.58 -0.86 -24.58
C GLU C 46 1.63 0.57 -25.09
N TRP C 47 1.64 0.73 -26.41
CA TRP C 47 1.73 2.05 -27.01
C TRP C 47 0.37 2.75 -26.94
N ILE C 48 0.38 3.99 -26.48
CA ILE C 48 -0.84 4.78 -26.32
C ILE C 48 -1.06 5.61 -27.57
N GLY C 49 -0.11 6.47 -27.89
CA GLY C 49 -0.22 7.35 -29.04
C GLY C 49 1.02 8.21 -29.17
N LEU C 50 0.98 9.07 -30.19
CA LEU C 50 2.07 10.00 -30.46
C LEU C 50 1.50 11.34 -30.90
N ILE C 51 2.29 12.38 -30.69
CA ILE C 51 1.92 13.75 -31.03
C ILE C 51 3.09 14.47 -31.68
N THR C 52 2.80 15.26 -32.70
CA THR C 52 3.74 16.18 -33.31
C THR C 52 3.42 17.61 -32.87
N PRO C 53 4.37 18.36 -32.27
CA PRO C 53 4.02 19.66 -31.68
C PRO C 53 3.86 20.81 -32.67
N TYR C 54 4.52 20.76 -33.83
CA TYR C 54 4.45 21.88 -34.76
C TYR C 54 3.00 22.20 -35.12
N ASN C 55 2.17 21.16 -35.30
CA ASN C 55 0.75 21.33 -35.55
C ASN C 55 -0.10 20.66 -34.48
N GLY C 56 0.52 20.18 -33.40
CA GLY C 56 -0.22 19.49 -32.36
C GLY C 56 -0.98 18.28 -32.82
N ALA C 57 -0.59 17.67 -33.94
CA ALA C 57 -1.35 16.56 -34.47
C ALA C 57 -1.11 15.31 -33.60
N SER C 58 -2.10 14.42 -33.59
CA SER C 58 -2.07 13.27 -32.69
C SER C 58 -2.61 12.03 -33.37
N SER C 59 -1.96 10.91 -33.14
CA SER C 59 -2.41 9.60 -33.62
C SER C 59 -2.43 8.62 -32.45
N TYR C 60 -3.55 7.93 -32.29
CA TYR C 60 -3.80 7.12 -31.11
C TYR C 60 -3.98 5.65 -31.46
N ASN C 61 -3.51 4.79 -30.55
CA ASN C 61 -3.89 3.39 -30.54
C ASN C 61 -5.37 3.30 -30.20
N GLN C 62 -6.17 2.69 -31.10
CA GLN C 62 -7.62 2.72 -30.94
C GLN C 62 -8.05 2.24 -29.56
N LYS C 63 -7.25 1.40 -28.91
CA LYS C 63 -7.58 0.97 -27.55
C LYS C 63 -7.66 2.17 -26.61
N PHE C 64 -6.80 3.16 -26.80
CA PHE C 64 -6.67 4.28 -25.89
C PHE C 64 -7.34 5.56 -26.39
N ARG C 65 -8.18 5.46 -27.41
CA ARG C 65 -8.99 6.60 -27.80
C ARG C 65 -10.11 6.81 -26.79
N GLY C 66 -10.39 8.06 -26.47
CA GLY C 66 -11.31 8.38 -25.39
C GLY C 66 -10.75 8.19 -24.00
N LYS C 67 -9.54 7.65 -23.89
CA LYS C 67 -8.87 7.47 -22.61
C LYS C 67 -7.66 8.37 -22.42
N ALA C 68 -6.91 8.64 -23.49
CA ALA C 68 -5.73 9.48 -23.42
C ALA C 68 -5.83 10.57 -24.47
N THR C 69 -5.63 11.82 -24.04
CA THR C 69 -5.64 12.98 -24.92
C THR C 69 -4.29 13.66 -24.84
N LEU C 70 -3.63 13.82 -25.99
CA LEU C 70 -2.29 14.38 -26.04
C LEU C 70 -2.34 15.84 -26.46
N THR C 71 -1.65 16.69 -25.70
CA THR C 71 -1.55 18.11 -26.01
C THR C 71 -0.10 18.54 -25.84
N VAL C 72 0.21 19.76 -26.27
CA VAL C 72 1.58 20.26 -26.20
C VAL C 72 1.56 21.75 -25.96
N ASP C 73 2.45 22.22 -25.09
CA ASP C 73 2.76 23.63 -24.94
C ASP C 73 4.15 23.85 -25.54
N LYS C 74 4.19 24.47 -26.72
CA LYS C 74 5.46 24.73 -27.38
C LYS C 74 6.29 25.76 -26.62
N SER C 75 5.64 26.67 -25.90
CA SER C 75 6.38 27.69 -25.16
C SER C 75 7.38 27.06 -24.21
N SER C 76 6.92 26.09 -23.40
CA SER C 76 7.77 25.42 -22.42
C SER C 76 8.36 24.13 -22.93
N SER C 77 8.19 23.82 -24.22
CA SER C 77 8.64 22.56 -24.78
C SER C 77 8.15 21.39 -23.93
N THR C 78 6.84 21.38 -23.66
CA THR C 78 6.24 20.38 -22.80
C THR C 78 5.13 19.64 -23.52
N ALA C 79 5.02 18.35 -23.27
CA ALA C 79 3.92 17.53 -23.76
C ALA C 79 3.09 17.06 -22.57
N TYR C 80 1.78 16.96 -22.79
CA TYR C 80 0.85 16.56 -21.74
C TYR C 80 0.01 15.40 -22.24
N MET C 81 -0.22 14.43 -21.35
CA MET C 81 -1.19 13.37 -21.59
C MET C 81 -2.26 13.45 -20.51
N ASP C 82 -3.52 13.55 -20.92
CA ASP C 82 -4.66 13.59 -20.02
C ASP C 82 -5.33 12.22 -20.05
N LEU C 83 -5.38 11.56 -18.90
CA LEU C 83 -6.06 10.29 -18.73
C LEU C 83 -7.43 10.53 -18.14
N LEU C 84 -8.46 9.95 -18.74
CA LEU C 84 -9.85 10.28 -18.49
C LEU C 84 -10.61 9.08 -17.96
N SER C 85 -11.72 9.36 -17.29
CA SER C 85 -12.62 8.34 -16.72
C SER C 85 -11.82 7.19 -16.11
N LEU C 86 -10.99 7.53 -15.13
CA LEU C 86 -10.01 6.59 -14.60
C LEU C 86 -10.70 5.40 -13.95
N THR C 87 -10.19 4.21 -14.25
CA THR C 87 -10.59 2.97 -13.60
C THR C 87 -9.37 2.36 -12.92
N SER C 88 -9.56 1.17 -12.35
CA SER C 88 -8.43 0.48 -11.71
C SER C 88 -7.43 0.00 -12.75
N GLU C 89 -7.91 -0.45 -13.91
CA GLU C 89 -7.03 -0.96 -14.95
C GLU C 89 -6.09 0.12 -15.50
N ASP C 90 -6.40 1.40 -15.25
CA ASP C 90 -5.54 2.49 -15.67
C ASP C 90 -4.38 2.72 -14.72
N SER C 91 -4.26 1.93 -13.65
CA SER C 91 -3.17 2.08 -12.70
C SER C 91 -1.90 1.47 -13.28
N ALA C 92 -0.87 2.29 -13.47
CA ALA C 92 0.35 1.81 -14.12
C ALA C 92 1.40 2.91 -14.24
N VAL C 93 2.54 2.58 -14.85
CA VAL C 93 3.62 3.55 -15.08
C VAL C 93 3.53 4.00 -16.53
N TYR C 94 3.51 5.31 -16.73
CA TYR C 94 3.38 5.89 -18.06
C TYR C 94 4.67 6.61 -18.43
N PHE C 95 5.30 6.16 -19.51
CA PHE C 95 6.51 6.77 -20.03
C PHE C 95 6.18 7.70 -21.19
N CYS C 96 6.94 8.77 -21.31
CA CYS C 96 7.04 9.52 -22.56
C CYS C 96 8.37 9.17 -23.22
N ALA C 97 8.40 9.26 -24.55
CA ALA C 97 9.61 8.90 -25.27
C ALA C 97 9.61 9.60 -26.62
N ARG C 98 10.81 9.96 -27.07
CA ARG C 98 10.95 10.64 -28.34
C ARG C 98 11.13 9.63 -29.46
N GLY C 99 10.49 9.91 -30.61
CA GLY C 99 10.68 9.08 -31.77
C GLY C 99 11.97 9.42 -32.50
N GLY C 100 12.56 8.41 -33.14
CA GLY C 100 13.79 8.59 -33.88
C GLY C 100 13.65 9.58 -35.01
N TYR C 101 14.69 9.71 -35.83
CA TYR C 101 14.65 10.65 -36.95
C TYR C 101 13.85 10.07 -38.11
N ASP C 102 14.18 8.86 -38.54
CA ASP C 102 13.51 8.23 -39.67
C ASP C 102 12.78 6.98 -39.19
N GLY C 103 11.98 7.12 -38.14
CA GLY C 103 11.30 5.97 -37.57
C GLY C 103 12.23 5.02 -36.86
N ARG C 104 13.32 5.52 -36.31
CA ARG C 104 14.33 4.68 -35.66
C ARG C 104 13.97 4.41 -34.21
N GLY C 105 12.74 3.95 -33.98
CA GLY C 105 12.31 3.58 -32.64
C GLY C 105 12.19 4.77 -31.71
N PHE C 106 12.16 4.45 -30.41
CA PHE C 106 12.14 5.44 -29.34
C PHE C 106 13.54 5.52 -28.75
N ASP C 107 14.27 6.59 -29.07
CA ASP C 107 15.69 6.67 -28.73
C ASP C 107 15.95 7.29 -27.36
N TYR C 108 15.04 8.12 -26.84
CA TYR C 108 15.19 8.70 -25.51
C TYR C 108 13.87 8.57 -24.78
N TRP C 109 13.89 7.86 -23.65
CA TRP C 109 12.70 7.62 -22.85
C TRP C 109 12.69 8.50 -21.61
N GLY C 110 11.49 8.74 -21.10
CA GLY C 110 11.32 9.40 -19.83
C GLY C 110 11.65 8.47 -18.68
N SER C 111 11.36 8.95 -17.47
CA SER C 111 11.66 8.19 -16.26
C SER C 111 10.49 7.34 -15.78
N GLY C 112 9.27 7.67 -16.19
CA GLY C 112 8.10 6.91 -15.76
C GLY C 112 7.29 7.63 -14.71
N THR C 113 6.02 7.89 -15.00
CA THR C 113 5.11 8.49 -14.04
C THR C 113 4.20 7.42 -13.47
N PRO C 114 4.23 7.14 -12.17
CA PRO C 114 3.25 6.18 -11.60
C PRO C 114 1.90 6.84 -11.40
N VAL C 115 0.84 6.13 -11.80
CA VAL C 115 -0.53 6.60 -11.63
C VAL C 115 -1.31 5.50 -10.93
N THR C 116 -1.86 5.81 -9.76
CA THR C 116 -2.64 4.88 -8.97
C THR C 116 -4.08 5.37 -8.89
N VAL C 117 -5.02 4.49 -9.24
CA VAL C 117 -6.44 4.80 -9.24
C VAL C 117 -7.09 4.00 -8.13
N SER C 118 -7.53 4.68 -7.07
CA SER C 118 -8.12 4.00 -5.94
C SER C 118 -8.95 4.98 -5.13
N SER C 119 -9.98 4.45 -4.46
CA SER C 119 -10.79 5.23 -3.54
C SER C 119 -10.11 5.41 -2.19
N ALA C 120 -8.93 4.84 -1.99
CA ALA C 120 -8.24 4.92 -0.72
C ALA C 120 -7.48 6.24 -0.60
N SER C 121 -7.54 6.82 0.60
CA SER C 121 -6.84 8.07 0.84
C SER C 121 -5.34 7.84 0.96
N THR C 122 -4.58 8.90 0.68
CA THR C 122 -3.14 8.83 0.80
C THR C 122 -2.73 8.82 2.27
N LYS C 123 -1.73 7.99 2.60
CA LYS C 123 -1.23 7.89 3.96
C LYS C 123 0.29 7.78 3.94
N GLY C 124 0.95 8.51 4.84
CA GLY C 124 2.39 8.52 4.92
C GLY C 124 2.92 7.33 5.71
N PRO C 125 4.17 6.95 5.44
CA PRO C 125 4.72 5.74 6.07
C PRO C 125 5.19 6.00 7.49
N SER C 126 5.39 4.89 8.20
CA SER C 126 6.08 4.89 9.49
C SER C 126 7.39 4.14 9.30
N VAL C 127 8.49 4.79 9.65
CA VAL C 127 9.83 4.25 9.44
C VAL C 127 10.37 3.75 10.77
N PHE C 128 10.65 2.44 10.84
CA PHE C 128 11.15 1.83 12.05
C PHE C 128 12.53 1.24 11.82
N PRO C 129 13.34 1.13 12.89
CA PRO C 129 14.71 0.60 12.73
C PRO C 129 14.80 -0.90 12.93
N LEU C 130 15.52 -1.56 12.04
CA LEU C 130 15.90 -2.96 12.18
C LEU C 130 17.35 -2.95 12.65
N ALA C 131 17.54 -3.08 13.96
CA ALA C 131 18.84 -2.86 14.58
C ALA C 131 19.72 -4.11 14.47
N PRO C 132 21.04 -3.93 14.38
CA PRO C 132 21.94 -5.08 14.32
C PRO C 132 22.15 -5.69 15.69
N SER C 133 22.17 -7.02 15.73
CA SER C 133 22.36 -7.76 16.97
C SER C 133 23.24 -8.97 16.68
N SER C 134 23.42 -9.82 17.70
CA SER C 134 24.18 -11.05 17.49
C SER C 134 23.47 -11.98 16.53
N LYS C 135 22.14 -11.97 16.52
CA LYS C 135 21.36 -12.77 15.57
C LYS C 135 21.38 -12.19 14.16
N SER C 136 21.89 -10.98 13.98
CA SER C 136 22.12 -10.40 12.66
C SER C 136 23.58 -10.52 12.23
N THR C 137 24.43 -11.15 13.04
CA THR C 137 25.84 -11.32 12.73
C THR C 137 26.11 -12.76 12.30
N SER C 138 26.95 -12.92 11.28
CA SER C 138 27.34 -14.23 10.80
C SER C 138 28.68 -14.17 10.06
N GLY C 139 29.78 -14.18 10.81
CA GLY C 139 31.10 -14.18 10.22
C GLY C 139 31.62 -12.79 9.91
N GLY C 140 31.63 -11.92 10.91
CA GLY C 140 32.14 -10.57 10.73
C GLY C 140 31.32 -9.69 9.83
N THR C 141 30.10 -10.10 9.48
CA THR C 141 29.20 -9.29 8.66
C THR C 141 27.87 -9.17 9.38
N ALA C 142 27.41 -7.93 9.55
CA ALA C 142 26.15 -7.64 10.21
C ALA C 142 25.16 -7.07 9.19
N ALA C 143 23.87 -7.15 9.54
CA ALA C 143 22.81 -6.66 8.68
C ALA C 143 21.96 -5.67 9.46
N LEU C 144 21.81 -4.46 8.93
CA LEU C 144 20.98 -3.44 9.53
C LEU C 144 19.91 -3.03 8.52
N GLY C 145 18.88 -2.32 8.98
CA GLY C 145 17.85 -1.98 8.02
C GLY C 145 16.79 -1.04 8.53
N CYS C 146 15.83 -0.75 7.65
CA CYS C 146 14.68 0.08 7.93
C CYS C 146 13.42 -0.62 7.43
N LEU C 147 12.33 -0.40 8.14
CA LEU C 147 11.01 -0.93 7.79
C LEU C 147 10.08 0.24 7.55
N VAL C 148 9.62 0.38 6.31
CA VAL C 148 8.70 1.44 5.91
C VAL C 148 7.31 0.80 5.86
N LYS C 149 6.50 1.03 6.88
CA LYS C 149 5.26 0.30 7.09
C LYS C 149 4.06 1.22 7.00
N ASP C 150 2.94 0.68 6.51
CA ASP C 150 1.66 1.36 6.49
C ASP C 150 1.73 2.68 5.72
N TYR C 151 1.75 2.60 4.40
CA TYR C 151 1.70 3.78 3.55
C TYR C 151 0.89 3.48 2.30
N PHE C 152 0.42 4.55 1.66
CA PHE C 152 -0.35 4.44 0.42
C PHE C 152 -0.48 5.81 -0.22
N PRO C 153 -0.33 5.93 -1.55
CA PRO C 153 -0.03 4.88 -2.52
C PRO C 153 1.47 4.71 -2.73
N GLU C 154 1.86 3.80 -3.61
CA GLU C 154 3.23 3.75 -4.07
C GLU C 154 3.52 4.99 -4.90
N PRO C 155 4.80 5.32 -5.14
CA PRO C 155 6.04 4.67 -4.72
C PRO C 155 6.69 5.30 -3.50
N VAL C 156 7.70 4.62 -2.97
CA VAL C 156 8.52 5.13 -1.88
C VAL C 156 9.99 5.03 -2.29
N THR C 157 10.78 6.04 -1.93
CA THR C 157 12.18 6.13 -2.31
C THR C 157 13.05 5.96 -1.06
N VAL C 158 13.83 4.89 -1.02
CA VAL C 158 14.71 4.60 0.11
C VAL C 158 16.15 4.67 -0.37
N SER C 159 16.98 5.41 0.38
CA SER C 159 18.41 5.46 0.15
C SER C 159 19.11 5.27 1.49
N TRP C 160 20.44 5.13 1.44
CA TRP C 160 21.23 4.93 2.65
C TRP C 160 22.40 5.90 2.67
N ASN C 161 22.59 6.56 3.81
CA ASN C 161 23.67 7.53 3.99
C ASN C 161 23.68 8.56 2.86
N SER C 162 22.49 9.01 2.49
CA SER C 162 22.34 10.06 1.48
C SER C 162 22.91 9.62 0.13
N GLY C 163 22.88 8.33 -0.15
CA GLY C 163 23.36 7.78 -1.40
C GLY C 163 24.79 7.30 -1.37
N ALA C 164 25.58 7.71 -0.39
CA ALA C 164 26.98 7.30 -0.33
C ALA C 164 27.14 5.80 -0.11
N LEU C 165 26.17 5.17 0.56
CA LEU C 165 26.19 3.74 0.83
C LEU C 165 25.27 3.04 -0.16
N THR C 166 25.85 2.16 -0.98
CA THR C 166 25.09 1.44 -2.00
C THR C 166 25.44 -0.03 -2.01
N SER C 167 26.68 -0.38 -1.74
CA SER C 167 27.09 -1.78 -1.80
C SER C 167 26.48 -2.57 -0.65
N GLY C 168 25.97 -3.76 -0.97
CA GLY C 168 25.34 -4.61 0.00
C GLY C 168 23.91 -4.26 0.33
N VAL C 169 23.34 -3.26 -0.33
CA VAL C 169 21.99 -2.78 -0.03
C VAL C 169 20.98 -3.59 -0.84
N HIS C 170 19.85 -3.88 -0.21
CA HIS C 170 18.73 -4.55 -0.87
C HIS C 170 17.45 -3.89 -0.38
N THR C 171 16.76 -3.19 -1.27
CA THR C 171 15.45 -2.60 -0.98
C THR C 171 14.41 -3.47 -1.67
N PHE C 172 13.67 -4.23 -0.87
CA PHE C 172 12.78 -5.25 -1.42
C PHE C 172 11.51 -4.62 -1.99
N PRO C 173 10.87 -5.29 -2.95
CA PRO C 173 9.57 -4.82 -3.42
C PRO C 173 8.56 -4.67 -2.29
N ALA C 174 7.70 -3.68 -2.41
CA ALA C 174 6.66 -3.46 -1.41
C ALA C 174 5.56 -4.49 -1.55
N VAL C 175 4.97 -4.87 -0.41
CA VAL C 175 3.88 -5.83 -0.36
C VAL C 175 2.63 -5.13 0.16
N LEU C 176 1.50 -5.45 -0.45
CA LEU C 176 0.21 -4.88 -0.04
C LEU C 176 -0.40 -5.74 1.05
N GLN C 177 -0.81 -5.11 2.14
CA GLN C 177 -1.40 -5.81 3.27
C GLN C 177 -2.92 -5.85 3.14
N SER C 178 -3.55 -6.65 4.01
CA SER C 178 -5.00 -6.74 4.02
C SER C 178 -5.66 -5.43 4.41
N SER C 179 -4.92 -4.54 5.09
CA SER C 179 -5.44 -3.23 5.47
C SER C 179 -5.49 -2.26 4.30
N GLY C 180 -5.02 -2.65 3.11
CA GLY C 180 -4.93 -1.74 1.98
C GLY C 180 -3.71 -0.86 1.97
N LEU C 181 -2.75 -1.09 2.87
CA LEU C 181 -1.54 -0.28 2.98
C LEU C 181 -0.31 -1.11 2.62
N TYR C 182 0.70 -0.44 2.12
CA TYR C 182 1.94 -1.08 1.71
C TYR C 182 2.97 -1.07 2.84
N SER C 183 3.90 -2.01 2.77
CA SER C 183 5.05 -2.01 3.67
C SER C 183 6.21 -2.69 2.97
N LEU C 184 7.37 -2.05 3.01
CA LEU C 184 8.59 -2.56 2.40
C LEU C 184 9.73 -2.51 3.40
N SER C 185 10.80 -3.23 3.07
CA SER C 185 11.99 -3.30 3.90
C SER C 185 13.20 -2.92 3.09
N SER C 186 14.20 -2.34 3.75
CA SER C 186 15.46 -2.00 3.11
C SER C 186 16.59 -2.40 4.04
N VAL C 187 17.45 -3.31 3.60
CA VAL C 187 18.52 -3.83 4.44
C VAL C 187 19.86 -3.52 3.79
N VAL C 188 20.91 -3.60 4.60
CA VAL C 188 22.28 -3.45 4.11
C VAL C 188 23.20 -4.28 5.00
N THR C 189 24.11 -5.00 4.37
CA THR C 189 25.14 -5.77 5.04
C THR C 189 26.42 -4.96 5.11
N VAL C 190 27.05 -4.97 6.28
CA VAL C 190 28.20 -4.13 6.57
C VAL C 190 29.19 -4.92 7.42
N PRO C 191 30.42 -4.44 7.59
CA PRO C 191 31.34 -5.12 8.50
C PRO C 191 30.96 -4.89 9.95
N SER C 192 31.03 -5.96 10.74
CA SER C 192 30.72 -5.84 12.16
C SER C 192 31.67 -4.89 12.88
N SER C 193 32.89 -4.75 12.36
CA SER C 193 33.90 -3.92 13.00
C SER C 193 33.59 -2.43 12.93
N SER C 194 32.62 -2.02 12.11
CA SER C 194 32.32 -0.61 11.92
C SER C 194 31.11 -0.13 12.69
N LEU C 195 30.30 -1.04 13.23
CA LEU C 195 29.04 -0.65 13.86
C LEU C 195 29.24 0.34 14.99
N GLY C 196 30.44 0.41 15.56
CA GLY C 196 30.70 1.31 16.67
C GLY C 196 31.11 2.71 16.24
N THR C 197 31.54 2.86 15.00
CA THR C 197 32.05 4.13 14.49
C THR C 197 31.25 4.67 13.31
N GLN C 198 30.77 3.80 12.42
CA GLN C 198 30.09 4.24 11.21
C GLN C 198 28.62 4.50 11.50
N THR C 199 28.15 5.70 11.16
CA THR C 199 26.74 6.04 11.29
C THR C 199 25.98 5.54 10.07
N TYR C 200 24.85 4.87 10.31
CA TYR C 200 24.01 4.33 9.25
C TYR C 200 22.63 5.00 9.34
N ILE C 201 22.29 5.77 8.32
CA ILE C 201 21.01 6.45 8.24
C ILE C 201 20.31 6.02 6.95
N CYS C 202 19.03 5.68 7.07
CA CYS C 202 18.19 5.42 5.90
C CYS C 202 17.31 6.63 5.65
N ASN C 203 17.27 7.09 4.40
CA ASN C 203 16.53 8.26 3.98
C ASN C 203 15.34 7.78 3.16
N VAL C 204 14.14 7.94 3.73
CA VAL C 204 12.90 7.51 3.10
C VAL C 204 12.16 8.75 2.61
N ASN C 205 11.49 8.62 1.47
CA ASN C 205 10.74 9.71 0.88
C ASN C 205 9.46 9.18 0.24
N HIS C 206 8.33 9.75 0.66
CA HIS C 206 7.00 9.47 0.11
C HIS C 206 6.45 10.81 -0.34
N LYS C 207 6.55 11.09 -1.64
CA LYS C 207 6.14 12.37 -2.20
C LYS C 207 4.63 12.57 -2.12
N PRO C 208 3.82 11.54 -2.43
CA PRO C 208 2.36 11.71 -2.38
C PRO C 208 1.85 12.30 -1.07
N SER C 209 2.60 12.11 0.02
CA SER C 209 2.20 12.60 1.34
C SER C 209 3.20 13.61 1.90
N ASN C 210 4.09 14.14 1.07
CA ASN C 210 5.12 15.09 1.50
C ASN C 210 5.78 14.63 2.79
N THR C 211 6.40 13.45 2.71
CA THR C 211 7.05 12.84 3.87
C THR C 211 8.51 12.56 3.52
N LYS C 212 9.43 13.21 4.22
CA LYS C 212 10.85 12.92 4.10
C LYS C 212 11.39 12.63 5.49
N VAL C 213 11.93 11.43 5.67
CA VAL C 213 12.43 10.99 6.97
C VAL C 213 13.87 10.54 6.82
N ASP C 214 14.69 10.86 7.81
CA ASP C 214 16.05 10.35 7.94
C ASP C 214 16.13 9.63 9.29
N LYS C 215 16.32 8.31 9.24
CA LYS C 215 16.29 7.48 10.44
C LYS C 215 17.67 6.85 10.63
N LYS C 216 18.30 7.16 11.76
CA LYS C 216 19.55 6.49 12.11
C LYS C 216 19.24 5.17 12.80
N VAL C 217 19.87 4.10 12.32
CA VAL C 217 19.75 2.78 12.92
C VAL C 217 20.97 2.55 13.81
N GLU C 218 20.74 2.15 15.05
CA GLU C 218 21.81 1.99 16.01
C GLU C 218 21.83 0.57 16.57
N PRO C 219 22.98 0.08 17.03
CA PRO C 219 23.05 -1.28 17.54
C PRO C 219 22.31 -1.44 18.86
N LYS C 220 21.92 -2.68 19.14
CA LYS C 220 21.30 -3.05 20.40
C LYS C 220 20.13 -2.15 20.75
C1 NAG D . -22.82 -18.56 5.08
C2 NAG D . -23.52 -19.21 3.88
C3 NAG D . -24.53 -20.25 4.38
C4 NAG D . -23.88 -21.23 5.35
C5 NAG D . -23.21 -20.45 6.48
C6 NAG D . -22.47 -21.33 7.46
C7 NAG D . -23.83 -17.89 1.82
C8 NAG D . -22.66 -18.62 1.23
N2 NAG D . -24.18 -18.22 3.06
O3 NAG D . -25.05 -20.96 3.26
O4 NAG D . -24.85 -22.11 5.88
O5 NAG D . -22.24 -19.56 5.91
O6 NAG D . -21.22 -21.76 6.93
O7 NAG D . -24.44 -17.03 1.18
H2 NAG D . -22.85 -19.68 3.35
H3 NAG D . -25.26 -19.80 4.84
H4 NAG D . -23.20 -21.76 4.88
H5 NAG D . -23.89 -19.95 6.97
H61 NAG D . -23.02 -22.11 7.66
H62 NAG D . -22.31 -20.82 8.28
H81 NAG D . -22.87 -19.58 1.18
H82 NAG D . -21.88 -18.49 1.80
H83 NAG D . -22.48 -18.28 0.33
HN2 NAG D . -24.90 -17.78 3.43
HO3 NAG D . -25.25 -21.79 3.50
HO6 NAG D . -20.59 -21.67 7.55
C1 NAG D . -24.29 -23.44 5.90
C2 NAG D . -25.03 -24.28 6.94
C3 NAG D . -24.50 -25.71 6.94
C4 NAG D . -24.52 -26.29 5.53
C5 NAG D . -23.78 -25.36 4.58
C6 NAG D . -23.83 -25.83 3.14
C7 NAG D . -25.76 -22.77 8.73
C8 NAG D . -25.48 -22.26 10.12
N2 NAG D . -24.90 -23.68 8.26
O3 NAG D . -25.30 -26.50 7.81
O4 NAG D . -23.88 -27.57 5.52
O5 NAG D . -24.38 -24.06 4.62
O6 NAG D . -23.27 -24.85 2.27
O7 NAG D . -26.72 -22.37 8.08
H2 NAG D . -25.97 -24.31 6.69
H3 NAG D . -23.58 -25.71 7.27
H4 NAG D . -25.44 -26.39 5.24
H5 NAG D . -22.85 -25.29 4.85
H61 NAG D . -24.76 -25.98 2.88
H62 NAG D . -23.33 -26.65 3.05
H81 NAG D . -24.61 -21.82 10.14
H82 NAG D . -25.47 -23.01 10.74
H83 NAG D . -26.17 -21.63 10.38
HN2 NAG D . -24.22 -23.95 8.79
HO3 NAG D . -25.25 -27.36 7.56
HO4 NAG D . -24.18 -28.04 4.84
HO6 NAG D . -23.04 -24.13 2.72
C1 GOL E . 18.57 -6.34 -5.39
O1 GOL E . 18.03 -5.19 -4.82
C2 GOL E . 20.08 -6.09 -5.59
O2 GOL E . 20.83 -7.26 -5.43
C3 GOL E . 20.21 -5.52 -7.02
O3 GOL E . 21.51 -5.03 -7.12
H11 GOL E . 18.16 -6.56 -6.24
H12 GOL E . 18.43 -7.13 -4.83
HO1 GOL E . 17.21 -5.33 -4.71
H2 GOL E . 20.42 -5.47 -4.93
HO2 GOL E . 21.62 -7.04 -5.23
H31 GOL E . 19.53 -4.84 -7.14
H32 GOL E . 20.01 -6.21 -7.66
HO3 GOL E . 22.04 -5.69 -7.08
S SO4 F . 1.47 1.44 -9.63
O1 SO4 F . 2.36 1.13 -8.50
O2 SO4 F . 2.02 2.58 -10.37
O3 SO4 F . 0.14 1.77 -9.11
O4 SO4 F . 1.40 0.28 -10.52
S SO4 G . 8.83 -6.63 2.78
O1 SO4 G . 8.26 -6.08 4.02
O2 SO4 G . 10.29 -6.52 2.82
O3 SO4 G . 8.44 -8.03 2.66
O4 SO4 G . 8.32 -5.89 1.63
#